data_2J75
#
_entry.id   2J75
#
_cell.length_a   93.923
_cell.length_b   94.326
_cell.length_c   113.048
_cell.angle_alpha   90.00
_cell.angle_beta   90.00
_cell.angle_gamma   90.00
#
_symmetry.space_group_name_H-M   'P 21 21 21'
#
loop_
_entity.id
_entity.type
_entity.pdbx_description
1 polymer 'BETA-GLUCOSIDASE A'
2 non-polymer 'ACETATE ION'
3 non-polymer (2R,3S,4R,5R)-5-(HYDROXYMETHYL)PIPERIDINE-2,3,4-TRIOL
4 non-polymer 'CALCIUM ION'
5 water water
#
_entity_poly.entity_id   1
_entity_poly.type   'polypeptide(L)'
_entity_poly.pdbx_seq_one_letter_code
;MGSSHHHHHHSSGLVPRGSHMASNVKKFPEGFLWGVATASYQIEGSPLADGAGMSIWHTFSHTPGNVKNGDTGDVACDHY
NRWKEDIEIIEKLGVKAYRFSISWPRILPEGTGRVNQKGLDFYNRIIDTLLEKGITPFVTIYHWDLPFALQLKGGWANRE
IADWFAEYSRVLFENFGDRVKNWITLNEPWVVAIVGHLYGVHAPGMRDIYVAFRAVHNLLRAHARAVKVFRETVKDGKIG
IVFNNGYFEPASEKEEDIRAVRFMHQFNNYPLFLNPIYRGDYPELVLEFAREYLPENYKDDMSEIQEKIDFVGLNYYSGH
LVKFDPDAPAKVSFVERDLPKTAMGWEIVPEGIYWILKKVKEEYNPPEVYITENGAAFDDVVSEDGRVHDQNRIDYLKAH
IGQAWKAIQEGVPLKGYFVWSLLDNFEWAEGYSKRFGIVYVDYSTQKRIVKDSGYWYSNVVKNNGLED
;
_entity_poly.pdbx_strand_id   A,B
#
# COMPACT_ATOMS: atom_id res chain seq x y z
N VAL A 25 -27.39 -14.76 27.73
CA VAL A 25 -27.46 -13.29 27.49
C VAL A 25 -26.42 -12.55 28.35
N LYS A 26 -26.05 -11.35 27.91
CA LYS A 26 -25.15 -10.51 28.68
C LYS A 26 -25.81 -9.16 28.90
N LYS A 27 -26.45 -8.99 30.06
CA LYS A 27 -27.08 -7.72 30.37
C LYS A 27 -26.16 -6.79 31.15
N PHE A 28 -26.23 -5.51 30.81
CA PHE A 28 -25.41 -4.48 31.46
C PHE A 28 -26.18 -3.89 32.66
N PRO A 29 -25.49 -3.13 33.55
CA PRO A 29 -26.17 -2.56 34.69
C PRO A 29 -27.31 -1.63 34.28
N GLU A 30 -28.32 -1.51 35.14
CA GLU A 30 -29.38 -0.53 34.93
C GLU A 30 -28.78 0.86 34.76
N GLY A 31 -29.23 1.58 33.73
CA GLY A 31 -28.79 2.95 33.46
C GLY A 31 -27.47 3.09 32.72
N PHE A 32 -26.86 1.96 32.36
CA PHE A 32 -25.63 1.94 31.55
C PHE A 32 -25.82 2.83 30.31
N LEU A 33 -24.80 3.63 29.98
CA LEU A 33 -24.93 4.62 28.92
CA LEU A 33 -24.93 4.61 28.92
C LEU A 33 -24.38 4.12 27.58
N TRP A 34 -25.29 3.71 26.69
CA TRP A 34 -24.92 3.29 25.34
C TRP A 34 -24.90 4.56 24.47
N GLY A 35 -23.77 4.82 23.81
CA GLY A 35 -23.65 6.01 23.00
C GLY A 35 -22.98 5.78 21.65
N VAL A 36 -22.91 6.86 20.87
CA VAL A 36 -22.13 6.95 19.65
C VAL A 36 -21.31 8.25 19.74
N ALA A 37 -20.24 8.30 18.98
CA ALA A 37 -19.27 9.41 19.08
C ALA A 37 -18.86 9.94 17.71
N THR A 38 -18.62 11.26 17.67
CA THR A 38 -18.11 11.94 16.49
C THR A 38 -17.12 13.03 16.99
N ALA A 39 -16.52 13.74 16.04
CA ALA A 39 -15.65 14.92 16.34
C ALA A 39 -15.96 15.96 15.28
N SER A 40 -15.89 17.22 15.69
CA SER A 40 -16.29 18.37 14.92
C SER A 40 -15.66 18.45 13.52
N TYR A 41 -14.33 18.42 13.45
CA TYR A 41 -13.67 18.56 12.13
C TYR A 41 -13.99 17.36 11.22
N GLN A 42 -14.21 16.18 11.82
CA GLN A 42 -14.40 14.99 11.01
C GLN A 42 -15.77 14.97 10.33
N ILE A 43 -16.76 15.62 10.92
CA ILE A 43 -18.15 15.55 10.38
C ILE A 43 -18.79 16.85 9.89
N GLU A 44 -18.41 17.98 10.49
CA GLU A 44 -19.16 19.22 10.28
C GLU A 44 -19.11 19.85 8.88
N GLY A 45 -17.93 19.87 8.28
CA GLY A 45 -17.70 20.78 7.14
C GLY A 45 -17.96 22.24 7.51
N SER A 46 -18.02 23.10 6.49
CA SER A 46 -18.22 24.54 6.67
C SER A 46 -17.28 25.12 7.74
N PRO A 47 -15.97 24.79 7.65
CA PRO A 47 -15.05 25.20 8.72
C PRO A 47 -14.98 26.72 8.90
N LEU A 48 -15.25 27.49 7.85
CA LEU A 48 -15.16 28.97 7.98
C LEU A 48 -16.52 29.66 7.96
N ALA A 49 -17.59 28.87 8.10
CA ALA A 49 -18.94 29.45 8.15
C ALA A 49 -19.19 30.29 9.41
N ASP A 50 -20.03 31.30 9.25
CA ASP A 50 -20.56 32.10 10.37
C ASP A 50 -19.49 32.64 11.31
N GLY A 51 -18.40 33.17 10.73
CA GLY A 51 -17.37 33.87 11.52
C GLY A 51 -16.33 33.01 12.21
N ALA A 52 -16.37 31.70 11.95
CA ALA A 52 -15.37 30.78 12.54
C ALA A 52 -13.96 31.14 12.10
N GLY A 53 -12.98 30.99 13.01
CA GLY A 53 -11.56 31.16 12.62
C GLY A 53 -11.04 29.85 12.03
N MET A 54 -9.95 29.91 11.26
CA MET A 54 -9.30 28.69 10.77
C MET A 54 -8.80 27.85 11.94
N SER A 55 -8.85 26.53 11.78
CA SER A 55 -8.17 25.61 12.69
C SER A 55 -6.88 25.11 12.04
N ILE A 56 -6.02 24.46 12.84
CA ILE A 56 -4.81 23.81 12.35
C ILE A 56 -5.11 22.65 11.42
N TRP A 57 -6.30 22.04 11.54
CA TRP A 57 -6.67 20.99 10.58
C TRP A 57 -7.11 21.55 9.22
N HIS A 58 -7.72 22.72 9.21
CA HIS A 58 -7.96 23.43 7.95
C HIS A 58 -6.66 23.70 7.19
N THR A 59 -5.71 24.34 7.86
CA THR A 59 -4.45 24.73 7.21
C THR A 59 -3.57 23.52 6.88
N PHE A 60 -3.53 22.53 7.78
CA PHE A 60 -2.83 21.24 7.52
C PHE A 60 -3.41 20.46 6.31
N SER A 61 -4.72 20.27 6.28
CA SER A 61 -5.33 19.53 5.17
C SER A 61 -5.27 20.33 3.85
N HIS A 62 -5.21 21.65 3.95
CA HIS A 62 -5.05 22.48 2.74
C HIS A 62 -3.62 22.60 2.25
N THR A 63 -2.72 21.93 2.96
CA THR A 63 -1.32 21.87 2.54
C THR A 63 -1.15 20.58 1.72
N PRO A 64 -0.72 20.69 0.45
CA PRO A 64 -0.55 19.48 -0.37
C PRO A 64 0.39 18.47 0.25
N GLY A 65 -0.01 17.21 0.18
CA GLY A 65 0.85 16.15 0.63
C GLY A 65 0.56 15.62 2.01
N ASN A 66 -0.27 16.33 2.77
CA ASN A 66 -0.51 15.95 4.17
C ASN A 66 -1.63 14.93 4.38
N VAL A 67 -2.60 14.92 3.47
CA VAL A 67 -3.78 14.04 3.60
C VAL A 67 -3.98 13.28 2.28
N LYS A 68 -4.26 11.99 2.41
CA LYS A 68 -4.52 11.12 1.26
C LYS A 68 -5.55 11.75 0.31
N ASN A 69 -5.25 11.67 -0.99
CA ASN A 69 -6.13 12.20 -2.05
C ASN A 69 -6.40 13.70 -1.98
N GLY A 70 -5.66 14.40 -1.13
CA GLY A 70 -5.88 15.85 -0.99
C GLY A 70 -7.21 16.14 -0.32
N ASP A 71 -7.72 15.18 0.43
CA ASP A 71 -9.03 15.38 1.08
C ASP A 71 -8.90 16.43 2.17
N THR A 72 -9.99 17.15 2.43
CA THR A 72 -10.03 18.13 3.52
C THR A 72 -11.35 18.03 4.29
N GLY A 73 -11.45 18.79 5.37
CA GLY A 73 -12.70 18.84 6.12
C GLY A 73 -13.65 19.93 5.66
N ASP A 74 -13.45 20.44 4.45
CA ASP A 74 -14.31 21.49 3.91
C ASP A 74 -15.82 21.18 3.90
N VAL A 75 -16.16 19.95 3.49
CA VAL A 75 -17.54 19.54 3.45
C VAL A 75 -17.82 18.41 4.44
N ALA A 76 -16.97 17.39 4.43
CA ALA A 76 -17.11 16.22 5.34
C ALA A 76 -18.51 15.62 5.18
N CYS A 77 -19.23 15.44 6.29
CA CYS A 77 -20.62 14.93 6.24
C CYS A 77 -21.66 16.06 6.21
N ASP A 78 -21.19 17.29 5.99
CA ASP A 78 -22.05 18.46 6.05
C ASP A 78 -22.94 18.48 7.31
N HIS A 79 -22.43 17.95 8.42
CA HIS A 79 -23.19 17.97 9.67
C HIS A 79 -23.53 19.40 10.12
N TYR A 80 -22.73 20.38 9.69
CA TYR A 80 -23.02 21.77 10.04
C TYR A 80 -24.44 22.15 9.57
N ASN A 81 -24.87 21.57 8.46
CA ASN A 81 -26.24 21.80 7.96
C ASN A 81 -27.23 20.70 8.27
N ARG A 82 -26.74 19.47 8.42
CA ARG A 82 -27.59 18.28 8.54
C ARG A 82 -27.70 17.72 9.96
N TRP A 83 -27.29 18.54 10.93
CA TRP A 83 -27.22 18.12 12.33
C TRP A 83 -28.55 17.57 12.86
N LYS A 84 -29.67 18.19 12.49
CA LYS A 84 -30.98 17.75 12.98
C LYS A 84 -31.29 16.33 12.51
N GLU A 85 -31.11 16.08 11.21
CA GLU A 85 -31.27 14.74 10.64
C GLU A 85 -30.41 13.72 11.38
N ASP A 86 -29.14 14.04 11.59
CA ASP A 86 -28.20 13.13 12.28
C ASP A 86 -28.64 12.80 13.71
N ILE A 87 -29.10 13.81 14.46
CA ILE A 87 -29.61 13.57 15.81
C ILE A 87 -30.91 12.72 15.76
N GLU A 88 -31.79 13.03 14.81
CA GLU A 88 -32.98 12.19 14.55
C GLU A 88 -32.62 10.72 14.27
N ILE A 89 -31.50 10.47 13.59
CA ILE A 89 -30.95 9.12 13.47
C ILE A 89 -30.55 8.51 14.80
N ILE A 90 -29.84 9.30 15.64
CA ILE A 90 -29.50 8.83 16.98
C ILE A 90 -30.77 8.46 17.75
N GLU A 91 -31.74 9.35 17.75
CA GLU A 91 -33.05 9.13 18.39
C GLU A 91 -33.75 7.87 17.86
N LYS A 92 -33.86 7.77 16.53
CA LYS A 92 -34.51 6.63 15.84
CA LYS A 92 -34.56 6.63 15.92
C LYS A 92 -33.85 5.30 16.26
N LEU A 93 -32.53 5.31 16.41
CA LEU A 93 -31.79 4.11 16.84
C LEU A 93 -31.91 3.83 18.34
N GLY A 94 -32.48 4.78 19.08
CA GLY A 94 -32.68 4.59 20.52
C GLY A 94 -31.40 4.75 21.34
N VAL A 95 -30.36 5.29 20.69
CA VAL A 95 -29.05 5.45 21.36
C VAL A 95 -29.18 6.52 22.45
N LYS A 96 -28.55 6.25 23.59
CA LYS A 96 -28.84 7.01 24.80
C LYS A 96 -27.95 8.22 25.10
N ALA A 97 -26.73 8.20 24.55
CA ALA A 97 -25.76 9.28 24.74
C ALA A 97 -25.11 9.60 23.41
N TYR A 98 -24.75 10.88 23.22
CA TYR A 98 -24.02 11.29 22.03
C TYR A 98 -22.78 12.05 22.49
N ARG A 99 -21.61 11.50 22.15
CA ARG A 99 -20.35 12.16 22.41
C ARG A 99 -19.94 12.94 21.16
N PHE A 100 -19.80 14.26 21.31
CA PHE A 100 -19.43 15.09 20.18
C PHE A 100 -18.41 16.12 20.65
N SER A 101 -17.68 16.73 19.73
CA SER A 101 -16.74 17.77 20.15
C SER A 101 -17.13 19.14 19.66
N ILE A 102 -16.63 20.15 20.35
CA ILE A 102 -16.82 21.53 19.97
C ILE A 102 -15.55 22.05 19.27
N SER A 103 -15.76 22.70 18.12
CA SER A 103 -14.69 23.42 17.44
C SER A 103 -14.31 24.74 18.16
N TRP A 104 -13.12 24.72 18.77
CA TRP A 104 -12.60 25.90 19.48
C TRP A 104 -12.68 27.15 18.59
N PRO A 105 -12.16 27.11 17.34
CA PRO A 105 -12.24 28.38 16.60
C PRO A 105 -13.61 28.80 16.11
N ARG A 106 -14.64 27.94 16.21
CA ARG A 106 -16.00 28.44 15.98
C ARG A 106 -16.46 29.35 17.15
N ILE A 107 -15.90 29.11 18.34
CA ILE A 107 -16.33 29.76 19.57
C ILE A 107 -15.49 30.98 19.81
N LEU A 108 -14.17 30.83 19.71
CA LEU A 108 -13.25 31.95 19.85
C LEU A 108 -12.35 31.94 18.60
N PRO A 109 -12.73 32.71 17.57
CA PRO A 109 -12.06 32.64 16.27
C PRO A 109 -10.54 32.90 16.27
N GLU A 110 -10.07 33.70 17.25
CA GLU A 110 -8.63 33.98 17.46
C GLU A 110 -8.08 33.18 18.65
N GLY A 111 -8.86 32.21 19.13
CA GLY A 111 -8.43 31.33 20.21
C GLY A 111 -8.74 31.87 21.60
N THR A 112 -8.46 33.16 21.81
CA THR A 112 -8.78 33.88 23.07
C THR A 112 -9.44 35.19 22.74
N GLY A 113 -10.08 35.83 23.72
CA GLY A 113 -10.67 37.15 23.48
C GLY A 113 -12.08 36.98 22.96
N ARG A 114 -12.27 37.36 21.70
CA ARG A 114 -13.62 37.47 21.12
C ARG A 114 -14.37 36.15 21.11
N VAL A 115 -15.62 36.17 21.59
CA VAL A 115 -16.52 35.03 21.50
C VAL A 115 -17.54 35.21 20.36
N ASN A 116 -17.67 34.17 19.55
CA ASN A 116 -18.53 34.16 18.35
C ASN A 116 -19.90 33.55 18.67
N GLN A 117 -20.92 34.40 18.81
CA GLN A 117 -22.25 33.95 19.20
C GLN A 117 -22.86 32.93 18.22
N LYS A 118 -22.54 33.05 16.94
CA LYS A 118 -23.07 32.08 15.97
C LYS A 118 -22.49 30.69 16.20
N GLY A 119 -21.28 30.62 16.74
CA GLY A 119 -20.65 29.35 17.04
C GLY A 119 -21.32 28.73 18.26
N LEU A 120 -21.58 29.55 19.26
CA LEU A 120 -22.34 29.11 20.43
C LEU A 120 -23.76 28.63 20.04
N ASP A 121 -24.42 29.42 19.17
CA ASP A 121 -25.75 29.09 18.61
C ASP A 121 -25.78 27.67 17.99
N PHE A 122 -24.78 27.34 17.17
CA PHE A 122 -24.71 26.03 16.50
C PHE A 122 -24.75 24.86 17.52
N TYR A 123 -23.88 24.91 18.53
CA TYR A 123 -23.89 23.89 19.56
C TYR A 123 -25.09 23.99 20.53
N ASN A 124 -25.57 25.20 20.81
CA ASN A 124 -26.77 25.33 21.64
C ASN A 124 -27.99 24.60 21.05
N ARG A 125 -28.17 24.67 19.73
CA ARG A 125 -29.26 23.94 19.05
C ARG A 125 -29.08 22.43 19.13
N ILE A 126 -27.84 21.95 19.00
CA ILE A 126 -27.56 20.53 19.12
C ILE A 126 -27.87 20.04 20.55
N ILE A 127 -27.39 20.79 21.54
CA ILE A 127 -27.57 20.41 22.94
C ILE A 127 -29.07 20.38 23.28
N ASP A 128 -29.79 21.43 22.90
CA ASP A 128 -31.22 21.55 23.27
C ASP A 128 -32.01 20.42 22.62
N THR A 129 -31.64 20.10 21.37
CA THR A 129 -32.29 19.05 20.60
C THR A 129 -32.07 17.68 21.23
N LEU A 130 -30.82 17.39 21.63
CA LEU A 130 -30.52 16.15 22.30
C LEU A 130 -31.33 15.99 23.58
N LEU A 131 -31.30 17.04 24.43
CA LEU A 131 -32.07 17.03 25.68
C LEU A 131 -33.58 16.88 25.46
N GLU A 132 -34.12 17.60 24.50
CA GLU A 132 -35.54 17.43 24.12
C GLU A 132 -35.85 15.97 23.78
N LYS A 133 -34.88 15.28 23.19
CA LYS A 133 -35.09 13.91 22.71
C LYS A 133 -34.62 12.86 23.71
N GLY A 134 -34.20 13.28 24.89
CA GLY A 134 -33.78 12.33 25.92
C GLY A 134 -32.43 11.67 25.71
N ILE A 135 -31.55 12.32 24.94
CA ILE A 135 -30.19 11.81 24.66
C ILE A 135 -29.17 12.61 25.50
N THR A 136 -28.27 11.91 26.18
CA THR A 136 -27.29 12.57 27.08
C THR A 136 -26.08 13.09 26.30
N PRO A 137 -25.85 14.43 26.32
CA PRO A 137 -24.66 14.91 25.62
C PRO A 137 -23.39 14.69 26.44
N PHE A 138 -22.35 14.17 25.79
CA PHE A 138 -21.01 14.11 26.38
C PHE A 138 -20.17 15.02 25.50
N VAL A 139 -19.66 16.12 26.04
CA VAL A 139 -18.94 17.07 25.19
C VAL A 139 -17.42 16.95 25.32
N THR A 140 -16.74 16.69 24.20
CA THR A 140 -15.28 16.77 24.10
C THR A 140 -14.87 18.21 23.78
N ILE A 141 -14.15 18.84 24.71
CA ILE A 141 -13.82 20.24 24.58
C ILE A 141 -12.78 20.42 23.46
N TYR A 142 -11.83 19.49 23.45
CA TYR A 142 -10.77 19.52 22.44
C TYR A 142 -10.56 18.19 21.74
N HIS A 143 -10.92 18.17 20.47
CA HIS A 143 -10.69 17.03 19.62
C HIS A 143 -9.90 17.46 18.38
N TRP A 144 -8.85 18.27 18.64
CA TRP A 144 -7.68 18.41 17.74
C TRP A 144 -7.69 19.62 16.81
N ASP A 145 -8.85 20.28 16.70
CA ASP A 145 -8.98 21.45 15.81
C ASP A 145 -8.59 22.76 16.55
N LEU A 146 -7.32 22.86 16.92
CA LEU A 146 -6.78 24.03 17.60
C LEU A 146 -7.01 25.25 16.70
N PRO A 147 -7.41 26.41 17.29
CA PRO A 147 -7.40 27.63 16.46
C PRO A 147 -6.03 27.89 15.82
N PHE A 148 -6.04 28.20 14.55
CA PHE A 148 -4.80 28.48 13.84
C PHE A 148 -4.07 29.67 14.47
N ALA A 149 -4.83 30.67 14.94
CA ALA A 149 -4.26 31.85 15.61
C ALA A 149 -3.38 31.48 16.80
N LEU A 150 -3.75 30.43 17.54
CA LEU A 150 -2.93 29.99 18.65
C LEU A 150 -1.74 29.16 18.20
N GLN A 151 -1.86 28.46 17.08
CA GLN A 151 -0.70 27.76 16.51
C GLN A 151 0.43 28.74 16.15
N LEU A 152 0.05 29.92 15.66
CA LEU A 152 1.04 30.98 15.34
C LEU A 152 1.81 31.42 16.57
N LYS A 153 1.20 31.25 17.75
N LYS A 153 1.21 31.24 17.75
CA LYS A 153 1.88 31.55 19.02
CA LYS A 153 1.84 31.54 19.03
C LYS A 153 2.49 30.34 19.71
C LYS A 153 2.49 30.34 19.71
N GLY A 154 2.71 29.27 18.93
CA GLY A 154 3.34 28.02 19.41
C GLY A 154 2.40 26.85 19.74
N GLY A 155 1.09 27.13 19.76
CA GLY A 155 0.09 26.06 20.06
C GLY A 155 0.43 25.32 21.36
N TRP A 156 0.38 23.97 21.29
CA TRP A 156 0.62 23.14 22.51
C TRP A 156 2.07 23.22 23.04
N ALA A 157 2.98 23.78 22.24
CA ALA A 157 4.36 23.99 22.70
C ALA A 157 4.47 25.16 23.69
N ASN A 158 3.50 26.07 23.68
CA ASN A 158 3.57 27.29 24.51
C ASN A 158 2.91 27.06 25.89
N ARG A 159 3.66 27.22 26.98
CA ARG A 159 3.09 27.11 28.35
CA ARG A 159 3.07 27.06 28.32
C ARG A 159 1.82 27.89 28.53
N GLU A 160 1.71 29.02 27.82
CA GLU A 160 0.54 29.89 27.94
CA GLU A 160 0.54 29.88 27.92
C GLU A 160 -0.77 29.24 27.47
N ILE A 161 -0.68 28.12 26.77
CA ILE A 161 -1.90 27.42 26.34
C ILE A 161 -2.75 26.92 27.54
N ALA A 162 -2.11 26.68 28.68
CA ALA A 162 -2.88 26.36 29.91
C ALA A 162 -3.87 27.47 30.18
N ASP A 163 -3.45 28.72 30.01
CA ASP A 163 -4.36 29.87 30.18
C ASP A 163 -5.40 29.95 29.06
N TRP A 164 -4.95 29.81 27.81
CA TRP A 164 -5.87 29.95 26.66
C TRP A 164 -6.96 28.88 26.76
N PHE A 165 -6.53 27.67 27.09
CA PHE A 165 -7.45 26.54 27.21
C PHE A 165 -8.41 26.71 28.35
N ALA A 166 -7.93 27.23 29.49
CA ALA A 166 -8.82 27.54 30.62
C ALA A 166 -9.90 28.57 30.25
N GLU A 167 -9.51 29.59 29.49
CA GLU A 167 -10.41 30.68 29.05
CA GLU A 167 -10.43 30.66 29.09
C GLU A 167 -11.50 30.10 28.13
N TYR A 168 -11.06 29.29 27.18
CA TYR A 168 -11.96 28.58 26.26
C TYR A 168 -12.97 27.68 27.02
N SER A 169 -12.41 26.80 27.84
CA SER A 169 -13.21 25.90 28.68
C SER A 169 -14.25 26.70 29.52
N ARG A 170 -13.81 27.80 30.15
N ARG A 170 -13.80 27.79 30.15
CA ARG A 170 -14.72 28.65 30.93
CA ARG A 170 -14.72 28.65 30.93
C ARG A 170 -15.91 29.19 30.11
C ARG A 170 -15.90 29.20 30.12
N VAL A 171 -15.64 29.64 28.89
CA VAL A 171 -16.71 30.08 27.99
C VAL A 171 -17.72 28.93 27.78
N LEU A 172 -17.22 27.72 27.53
CA LEU A 172 -18.13 26.57 27.29
C LEU A 172 -18.95 26.25 28.55
N PHE A 173 -18.28 26.26 29.70
CA PHE A 173 -18.95 25.93 30.95
C PHE A 173 -20.02 26.98 31.26
N GLU A 174 -19.72 28.25 31.02
CA GLU A 174 -20.65 29.35 31.31
CA GLU A 174 -20.68 29.32 31.33
C GLU A 174 -21.88 29.30 30.40
N ASN A 175 -21.66 28.98 29.12
CA ASN A 175 -22.74 28.95 28.16
C ASN A 175 -23.57 27.67 28.12
N PHE A 176 -22.93 26.54 28.41
CA PHE A 176 -23.52 25.20 28.21
C PHE A 176 -23.68 24.36 29.47
N GLY A 177 -22.98 24.73 30.55
CA GLY A 177 -22.92 23.91 31.75
C GLY A 177 -24.24 23.82 32.51
N ASP A 178 -25.21 24.67 32.17
CA ASP A 178 -26.56 24.60 32.73
C ASP A 178 -27.28 23.36 32.22
N ARG A 179 -26.88 22.89 31.03
CA ARG A 179 -27.51 21.77 30.37
C ARG A 179 -26.59 20.56 30.16
N VAL A 180 -25.34 20.78 29.80
CA VAL A 180 -24.40 19.68 29.62
C VAL A 180 -23.71 19.42 30.96
N LYS A 181 -23.73 18.18 31.41
CA LYS A 181 -23.24 17.85 32.73
C LYS A 181 -22.14 16.80 32.68
N ASN A 182 -21.76 16.42 31.46
CA ASN A 182 -20.71 15.42 31.23
C ASN A 182 -19.68 15.99 30.23
N TRP A 183 -18.47 16.24 30.72
CA TRP A 183 -17.42 16.94 29.94
C TRP A 183 -16.12 16.13 29.84
N ILE A 184 -15.41 16.28 28.70
CA ILE A 184 -14.11 15.66 28.47
C ILE A 184 -13.17 16.80 28.04
N THR A 185 -12.05 16.97 28.74
CA THR A 185 -11.15 18.09 28.39
C THR A 185 -10.47 17.83 27.04
N LEU A 186 -9.79 16.70 26.97
CA LEU A 186 -8.92 16.37 25.82
C LEU A 186 -9.21 14.99 25.25
N ASN A 187 -9.25 14.88 23.93
CA ASN A 187 -9.29 13.57 23.26
C ASN A 187 -7.89 13.16 22.86
N GLU A 188 -7.41 12.03 23.39
CA GLU A 188 -6.17 11.41 22.91
C GLU A 188 -4.96 12.36 22.90
N PRO A 189 -4.63 12.92 24.09
CA PRO A 189 -3.52 13.85 24.13
C PRO A 189 -2.19 13.23 23.68
N TRP A 190 -1.99 11.92 23.81
CA TRP A 190 -0.78 11.29 23.24
C TRP A 190 -0.68 11.53 21.72
N VAL A 191 -1.80 11.38 21.02
CA VAL A 191 -1.85 11.57 19.57
C VAL A 191 -1.57 13.03 19.24
N VAL A 192 -2.25 13.94 19.94
CA VAL A 192 -2.03 15.40 19.77
C VAL A 192 -0.56 15.72 19.87
N ALA A 193 0.08 15.24 20.93
CA ALA A 193 1.49 15.54 21.14
C ALA A 193 2.38 14.82 20.14
N ILE A 194 2.29 13.49 20.13
CA ILE A 194 3.27 12.69 19.43
C ILE A 194 3.03 12.61 17.92
N VAL A 195 1.79 12.34 17.52
CA VAL A 195 1.51 12.22 16.10
C VAL A 195 1.54 13.61 15.46
N GLY A 196 1.13 14.65 16.19
CA GLY A 196 1.14 16.04 15.68
C GLY A 196 2.50 16.71 15.68
N HIS A 197 3.37 16.36 16.63
CA HIS A 197 4.58 17.17 16.87
C HIS A 197 5.89 16.36 16.82
N LEU A 198 5.79 15.03 16.80
CA LEU A 198 6.96 14.18 16.60
C LEU A 198 6.93 13.45 15.25
N TYR A 199 5.81 12.82 14.96
CA TYR A 199 5.67 12.07 13.70
C TYR A 199 5.36 13.02 12.55
N GLY A 200 4.71 14.14 12.88
CA GLY A 200 4.33 15.11 11.87
C GLY A 200 3.25 14.65 10.91
N VAL A 201 2.54 13.59 11.27
CA VAL A 201 1.49 13.00 10.43
C VAL A 201 0.15 13.72 10.61
N HIS A 202 -0.04 14.34 11.77
CA HIS A 202 -1.23 15.15 12.05
C HIS A 202 -0.85 16.59 12.26
N ALA A 203 -1.83 17.48 12.15
CA ALA A 203 -1.62 18.90 12.44
C ALA A 203 -1.02 19.04 13.85
N PRO A 204 -0.09 19.99 14.04
CA PRO A 204 0.37 21.00 13.08
C PRO A 204 1.51 20.50 12.19
N GLY A 205 1.78 19.19 12.22
CA GLY A 205 2.69 18.56 11.28
C GLY A 205 4.15 18.79 11.55
N MET A 206 4.54 18.75 12.81
CA MET A 206 5.94 18.99 13.22
CA MET A 206 5.95 18.97 13.20
C MET A 206 6.67 17.69 13.57
N ARG A 207 8.01 17.72 13.49
CA ARG A 207 8.87 16.59 13.86
C ARG A 207 10.01 17.06 14.75
N ASP A 208 9.70 17.29 16.02
CA ASP A 208 10.69 17.73 16.98
C ASP A 208 10.33 17.09 18.30
N ILE A 209 11.20 16.21 18.81
CA ILE A 209 10.90 15.45 20.02
C ILE A 209 10.79 16.31 21.30
N TYR A 210 11.52 17.42 21.36
CA TYR A 210 11.51 18.32 22.50
C TYR A 210 10.18 19.10 22.51
N VAL A 211 9.74 19.51 21.32
CA VAL A 211 8.42 20.14 21.21
C VAL A 211 7.34 19.11 21.62
N ALA A 212 7.43 17.88 21.10
CA ALA A 212 6.43 16.85 21.39
C ALA A 212 6.24 16.61 22.89
N PHE A 213 7.33 16.53 23.65
CA PHE A 213 7.22 16.31 25.10
C PHE A 213 6.82 17.55 25.87
N ARG A 214 7.13 18.74 25.35
CA ARG A 214 6.56 19.96 25.90
CA ARG A 214 6.55 19.90 25.98
C ARG A 214 5.04 19.98 25.71
N ALA A 215 4.60 19.48 24.55
CA ALA A 215 3.16 19.41 24.27
C ALA A 215 2.47 18.43 25.23
N VAL A 216 3.08 17.27 25.46
CA VAL A 216 2.53 16.36 26.50
C VAL A 216 2.31 17.11 27.81
N HIS A 217 3.34 17.78 28.28
CA HIS A 217 3.29 18.43 29.57
C HIS A 217 2.28 19.56 29.56
N ASN A 218 2.24 20.35 28.48
CA ASN A 218 1.26 21.45 28.46
C ASN A 218 -0.20 20.96 28.33
N LEU A 219 -0.41 19.86 27.62
CA LEU A 219 -1.74 19.23 27.56
C LEU A 219 -2.22 18.90 28.99
N LEU A 220 -1.35 18.28 29.79
CA LEU A 220 -1.68 17.99 31.21
C LEU A 220 -1.99 19.27 31.99
N ARG A 221 -1.17 20.30 31.83
CA ARG A 221 -1.38 21.56 32.55
C ARG A 221 -2.68 22.22 32.12
N ALA A 222 -2.96 22.20 30.82
CA ALA A 222 -4.20 22.80 30.33
C ALA A 222 -5.42 21.99 30.80
N HIS A 223 -5.33 20.66 30.70
CA HIS A 223 -6.40 19.76 31.22
C HIS A 223 -6.70 20.12 32.69
N ALA A 224 -5.65 20.30 33.50
CA ALA A 224 -5.85 20.52 34.93
C ALA A 224 -6.44 21.89 35.24
N ARG A 225 -6.02 22.92 34.51
CA ARG A 225 -6.61 24.26 34.68
C ARG A 225 -8.10 24.30 34.31
N ALA A 226 -8.48 23.58 33.25
CA ALA A 226 -9.86 23.46 32.82
C ALA A 226 -10.69 22.75 33.90
N VAL A 227 -10.18 21.66 34.45
CA VAL A 227 -10.92 21.00 35.56
C VAL A 227 -11.09 22.00 36.71
N LYS A 228 -10.01 22.72 37.06
CA LYS A 228 -10.07 23.75 38.12
C LYS A 228 -11.18 24.78 37.86
N VAL A 229 -11.26 25.29 36.63
CA VAL A 229 -12.30 26.23 36.23
C VAL A 229 -13.68 25.57 36.32
N PHE A 230 -13.75 24.30 35.91
CA PHE A 230 -15.01 23.55 35.95
C PHE A 230 -15.60 23.55 37.37
N ARG A 231 -14.77 23.27 38.37
CA ARG A 231 -15.23 23.25 39.80
C ARG A 231 -15.79 24.60 40.26
N GLU A 232 -15.30 25.69 39.68
CA GLU A 232 -15.74 27.05 39.97
C GLU A 232 -17.01 27.46 39.23
N THR A 233 -17.33 26.76 38.13
CA THR A 233 -18.39 27.22 37.22
CA THR A 233 -18.37 27.21 37.20
C THR A 233 -19.57 26.27 37.07
N VAL A 234 -19.33 24.97 37.14
CA VAL A 234 -20.39 23.97 36.95
C VAL A 234 -20.37 23.03 38.15
N LYS A 235 -20.83 23.57 39.27
CA LYS A 235 -20.81 22.87 40.54
C LYS A 235 -21.60 21.53 40.59
N ASP A 236 -22.49 21.27 39.63
CA ASP A 236 -23.20 19.98 39.58
C ASP A 236 -22.85 18.98 38.47
N GLY A 237 -21.81 19.20 37.67
CA GLY A 237 -21.48 18.26 36.58
C GLY A 237 -20.26 17.38 36.83
N LYS A 238 -19.92 16.55 35.86
CA LYS A 238 -18.70 15.70 35.93
C LYS A 238 -17.78 15.95 34.73
N ILE A 239 -16.48 15.83 34.98
CA ILE A 239 -15.45 16.06 33.95
C ILE A 239 -14.37 14.98 34.01
N GLY A 240 -13.86 14.61 32.83
CA GLY A 240 -12.83 13.61 32.68
C GLY A 240 -11.97 13.88 31.45
N ILE A 241 -11.30 12.85 30.98
CA ILE A 241 -10.29 12.99 29.92
C ILE A 241 -10.19 11.65 29.24
N VAL A 242 -9.91 11.67 27.94
CA VAL A 242 -9.97 10.50 27.07
C VAL A 242 -8.60 10.12 26.51
N PHE A 243 -8.23 8.83 26.62
CA PHE A 243 -6.92 8.34 26.11
C PHE A 243 -7.09 7.25 25.07
N ASN A 244 -6.24 7.28 24.03
CA ASN A 244 -6.09 6.12 23.13
C ASN A 244 -5.29 5.05 23.87
N ASN A 245 -5.54 3.79 23.51
CA ASN A 245 -4.89 2.67 24.19
C ASN A 245 -4.79 1.53 23.20
N GLY A 246 -3.68 0.82 23.25
CA GLY A 246 -3.51 -0.42 22.49
C GLY A 246 -3.23 -1.56 23.45
N TYR A 247 -3.46 -2.78 22.96
CA TYR A 247 -3.12 -3.99 23.73
C TYR A 247 -1.81 -4.56 23.23
N PHE A 248 -0.76 -4.28 23.97
CA PHE A 248 0.56 -4.69 23.57
C PHE A 248 0.90 -6.01 24.27
N GLU A 249 1.20 -6.99 23.42
CA GLU A 249 1.61 -8.31 23.88
C GLU A 249 3.07 -8.50 23.47
N PRO A 250 3.85 -9.32 24.25
CA PRO A 250 5.25 -9.51 23.91
C PRO A 250 5.41 -10.64 22.88
N ALA A 251 6.41 -10.46 22.01
CA ALA A 251 6.66 -11.38 20.90
C ALA A 251 7.21 -12.73 21.38
N SER A 252 7.65 -12.75 22.64
CA SER A 252 8.47 -13.83 23.20
C SER A 252 8.70 -13.48 24.66
N GLU A 253 9.86 -13.94 25.17
CA GLU A 253 10.39 -13.52 26.46
C GLU A 253 11.87 -13.16 26.32
N ASP A 257 12.00 -8.23 25.91
CA ASP A 257 10.94 -7.36 25.35
C ASP A 257 9.53 -7.44 25.98
N ILE A 258 9.40 -8.07 27.15
CA ILE A 258 8.18 -7.85 27.93
C ILE A 258 8.29 -6.46 28.55
N ARG A 259 9.52 -5.95 28.63
CA ARG A 259 9.81 -4.58 29.02
C ARG A 259 9.41 -3.62 27.90
N ALA A 260 9.52 -4.07 26.66
CA ALA A 260 9.12 -3.26 25.51
C ALA A 260 7.62 -3.06 25.56
N VAL A 261 6.90 -4.08 26.03
CA VAL A 261 5.48 -3.99 26.27
C VAL A 261 5.21 -3.01 27.41
N ARG A 262 6.01 -3.13 28.49
CA ARG A 262 5.91 -2.25 29.65
CA ARG A 262 5.91 -2.23 29.64
C ARG A 262 6.07 -0.78 29.20
N PHE A 263 7.08 -0.51 28.36
CA PHE A 263 7.28 0.84 27.84
C PHE A 263 6.10 1.33 26.96
N MET A 264 5.61 0.48 26.06
CA MET A 264 4.50 0.88 25.19
C MET A 264 3.24 1.17 25.99
N HIS A 265 2.95 0.34 26.98
CA HIS A 265 1.83 0.62 27.86
C HIS A 265 2.00 1.98 28.55
N GLN A 266 3.16 2.20 29.16
CA GLN A 266 3.36 3.43 29.92
C GLN A 266 3.38 4.68 29.07
N PHE A 267 3.86 4.53 27.82
CA PHE A 267 4.03 5.69 26.91
C PHE A 267 2.79 5.93 26.03
N ASN A 268 2.26 4.86 25.42
CA ASN A 268 1.18 4.96 24.44
CA ASN A 268 1.18 5.01 24.45
C ASN A 268 -0.20 4.92 25.07
N ASN A 269 -0.27 4.34 26.27
CA ASN A 269 -1.58 4.18 26.96
C ASN A 269 -1.84 5.20 28.08
N TYR A 270 -2.99 5.07 28.79
CA TYR A 270 -3.35 6.03 29.83
C TYR A 270 -2.25 6.40 30.88
N PRO A 271 -1.27 5.50 31.20
CA PRO A 271 -0.30 5.90 32.24
C PRO A 271 0.49 7.21 31.98
N LEU A 272 0.80 7.51 30.74
CA LEU A 272 1.52 8.75 30.45
C LEU A 272 0.88 9.95 31.11
N PHE A 273 -0.46 9.95 31.14
CA PHE A 273 -1.22 11.05 31.68
C PHE A 273 -1.75 10.77 33.08
N LEU A 274 -2.13 9.51 33.35
CA LEU A 274 -2.73 9.18 34.64
C LEU A 274 -1.69 9.06 35.74
N ASN A 275 -0.47 8.66 35.41
CA ASN A 275 0.58 8.69 36.43
C ASN A 275 0.78 10.10 36.99
N PRO A 276 0.91 11.13 36.11
CA PRO A 276 0.86 12.51 36.63
C PRO A 276 -0.39 12.91 37.43
N ILE A 277 -1.57 12.60 36.91
CA ILE A 277 -2.82 12.98 37.53
C ILE A 277 -3.00 12.34 38.93
N TYR A 278 -2.74 11.04 39.00
CA TYR A 278 -2.99 10.29 40.24
C TYR A 278 -1.77 10.18 41.14
N ARG A 279 -0.56 10.21 40.55
CA ARG A 279 0.68 9.98 41.30
C ARG A 279 1.69 11.13 41.27
N GLY A 280 1.46 12.14 40.43
CA GLY A 280 2.32 13.31 40.45
C GLY A 280 3.67 13.17 39.75
N ASP A 281 3.79 12.20 38.85
CA ASP A 281 5.00 12.12 38.01
C ASP A 281 4.71 11.27 36.80
N TYR A 282 5.51 11.42 35.74
CA TYR A 282 5.42 10.54 34.59
C TYR A 282 5.79 9.10 34.95
N PRO A 283 5.31 8.10 34.18
CA PRO A 283 5.69 6.69 34.43
C PRO A 283 7.21 6.47 34.30
N GLU A 284 7.74 5.50 35.05
CA GLU A 284 9.19 5.23 35.09
C GLU A 284 9.87 5.09 33.73
N LEU A 285 9.33 4.25 32.85
CA LEU A 285 9.94 4.00 31.55
CA LEU A 285 9.96 4.01 31.55
C LEU A 285 9.80 5.18 30.59
N VAL A 286 8.80 6.03 30.81
CA VAL A 286 8.68 7.26 30.02
C VAL A 286 9.83 8.20 30.37
N LEU A 287 10.07 8.37 31.66
CA LEU A 287 11.18 9.16 32.14
C LEU A 287 12.51 8.62 31.69
N GLU A 288 12.68 7.29 31.70
CA GLU A 288 13.92 6.72 31.18
CA GLU A 288 13.92 6.71 31.17
C GLU A 288 14.16 7.11 29.70
N PHE A 289 13.11 7.03 28.89
CA PHE A 289 13.21 7.39 27.46
C PHE A 289 13.30 8.91 27.20
N ALA A 290 12.52 9.70 27.93
CA ALA A 290 12.21 11.08 27.51
C ALA A 290 12.56 12.20 28.49
N ARG A 291 13.25 11.88 29.59
CA ARG A 291 13.56 12.88 30.58
C ARG A 291 14.21 14.13 29.96
N GLU A 292 15.17 13.91 29.07
CA GLU A 292 15.94 14.99 28.43
C GLU A 292 15.05 15.95 27.64
N TYR A 293 13.88 15.45 27.24
CA TYR A 293 12.97 16.19 26.37
C TYR A 293 11.92 16.97 27.12
N LEU A 294 11.73 16.65 28.41
CA LEU A 294 10.76 17.35 29.25
C LEU A 294 11.38 18.64 29.76
N PRO A 295 10.55 19.65 30.10
CA PRO A 295 11.14 20.84 30.72
C PRO A 295 11.96 20.45 31.93
N GLU A 296 13.01 21.23 32.18
CA GLU A 296 13.93 20.95 33.27
C GLU A 296 13.23 20.88 34.64
N ASN A 297 12.33 21.81 34.88
CA ASN A 297 11.64 21.90 36.16
CA ASN A 297 11.62 21.92 36.15
C ASN A 297 10.17 21.46 36.07
N TYR A 298 9.92 20.42 35.28
CA TYR A 298 8.55 19.96 35.00
C TYR A 298 7.81 19.54 36.26
N LYS A 299 8.52 19.06 37.29
CA LYS A 299 7.85 18.62 38.55
C LYS A 299 7.15 19.76 39.27
N ASP A 300 7.60 20.99 39.04
CA ASP A 300 6.98 22.18 39.64
C ASP A 300 5.49 22.29 39.31
N ASP A 301 5.07 21.64 38.23
CA ASP A 301 3.70 21.70 37.75
C ASP A 301 2.87 20.50 38.19
N MET A 302 3.50 19.46 38.71
CA MET A 302 2.79 18.24 39.05
C MET A 302 1.71 18.38 40.12
N SER A 303 1.92 19.24 41.13
CA SER A 303 0.88 19.38 42.15
C SER A 303 -0.41 19.89 41.53
N GLU A 304 -0.30 20.82 40.60
CA GLU A 304 -1.47 21.35 39.90
C GLU A 304 -2.11 20.33 38.97
N ILE A 305 -1.28 19.48 38.36
CA ILE A 305 -1.73 18.47 37.40
C ILE A 305 -2.62 17.41 38.08
N GLN A 306 -2.43 17.27 39.40
CA GLN A 306 -3.20 16.28 40.16
C GLN A 306 -4.65 16.70 40.47
N GLU A 307 -5.11 17.82 39.93
CA GLU A 307 -6.51 18.25 40.04
C GLU A 307 -7.47 17.05 39.86
N LYS A 308 -8.41 16.89 40.78
CA LYS A 308 -9.21 15.67 40.83
C LYS A 308 -10.15 15.57 39.63
N ILE A 309 -10.18 14.40 38.99
CA ILE A 309 -11.08 14.17 37.87
C ILE A 309 -12.21 13.21 38.27
N ASP A 310 -13.30 13.22 37.52
CA ASP A 310 -14.50 12.43 37.86
C ASP A 310 -14.58 11.08 37.16
N PHE A 311 -13.98 10.96 35.95
CA PHE A 311 -13.98 9.70 35.22
C PHE A 311 -12.81 9.65 34.24
N VAL A 312 -12.47 8.44 33.80
CA VAL A 312 -11.46 8.24 32.76
C VAL A 312 -12.18 7.68 31.53
N GLY A 313 -11.91 8.28 30.37
CA GLY A 313 -12.41 7.74 29.11
C GLY A 313 -11.28 6.98 28.44
N LEU A 314 -11.53 5.74 28.04
CA LEU A 314 -10.57 4.95 27.31
C LEU A 314 -11.12 4.67 25.93
N ASN A 315 -10.33 5.00 24.90
CA ASN A 315 -10.58 4.54 23.55
C ASN A 315 -9.77 3.29 23.32
N TYR A 316 -10.28 2.37 22.50
CA TYR A 316 -9.59 1.13 22.21
C TYR A 316 -10.05 0.56 20.85
N TYR A 317 -9.08 0.21 20.00
CA TYR A 317 -9.32 -0.37 18.67
C TYR A 317 -8.52 -1.65 18.41
N SER A 318 -7.28 -1.68 18.87
CA SER A 318 -6.33 -2.64 18.34
C SER A 318 -5.30 -3.21 19.31
N GLY A 319 -4.78 -4.38 18.98
CA GLY A 319 -3.63 -4.97 19.69
C GLY A 319 -2.38 -5.02 18.81
N HIS A 320 -1.20 -5.05 19.43
CA HIS A 320 0.07 -5.04 18.72
C HIS A 320 1.04 -6.00 19.36
N LEU A 321 1.69 -6.81 18.53
CA LEU A 321 2.76 -7.65 19.03
CA LEU A 321 2.77 -7.68 18.98
C LEU A 321 4.03 -6.83 18.97
N VAL A 322 4.71 -6.79 20.11
CA VAL A 322 5.84 -5.90 20.30
C VAL A 322 7.09 -6.69 20.71
N LYS A 323 8.21 -6.26 20.16
CA LYS A 323 9.52 -6.78 20.49
C LYS A 323 10.47 -5.62 20.68
N PHE A 324 11.48 -5.82 21.53
CA PHE A 324 12.62 -4.92 21.59
C PHE A 324 13.27 -4.92 20.22
N ASP A 325 13.81 -3.76 19.85
CA ASP A 325 14.46 -3.56 18.56
C ASP A 325 15.55 -2.51 18.73
N ALA A 328 15.28 0.83 15.80
CA ALA A 328 13.99 1.49 15.98
C ALA A 328 14.10 2.69 16.93
N PRO A 329 13.50 3.84 16.53
CA PRO A 329 13.64 5.15 17.20
C PRO A 329 13.39 5.18 18.72
N ALA A 330 12.51 4.30 19.21
CA ALA A 330 12.21 4.21 20.64
C ALA A 330 12.59 2.84 21.20
N LYS A 331 13.40 2.11 20.43
CA LYS A 331 13.86 0.77 20.79
C LYS A 331 12.73 -0.25 20.77
N VAL A 332 11.69 0.03 19.98
CA VAL A 332 10.53 -0.82 19.89
C VAL A 332 10.06 -0.87 18.44
N SER A 333 9.76 -2.07 17.96
CA SER A 333 9.11 -2.22 16.67
C SER A 333 7.95 -3.19 16.77
N PHE A 334 6.97 -3.02 15.89
CA PHE A 334 5.83 -3.91 15.84
C PHE A 334 6.15 -5.13 15.01
N VAL A 335 5.59 -6.26 15.41
CA VAL A 335 5.71 -7.51 14.67
C VAL A 335 4.34 -7.80 14.10
N GLU A 336 4.26 -7.96 12.78
CA GLU A 336 2.99 -8.29 12.14
C GLU A 336 2.57 -9.72 12.53
N ARG A 337 1.27 -9.93 12.66
CA ARG A 337 0.73 -11.23 13.02
C ARG A 337 -0.32 -11.59 12.00
N ASP A 338 -0.51 -12.89 11.78
CA ASP A 338 -1.59 -13.34 10.92
CA ASP A 338 -1.59 -13.36 10.93
C ASP A 338 -2.87 -13.43 11.75
N LEU A 339 -3.44 -12.25 12.03
CA LEU A 339 -4.74 -12.15 12.68
CA LEU A 339 -4.74 -12.13 12.70
C LEU A 339 -5.65 -11.35 11.76
N PRO A 340 -6.98 -11.52 11.88
CA PRO A 340 -7.83 -10.67 11.05
C PRO A 340 -7.60 -9.18 11.35
N LYS A 341 -7.67 -8.37 10.32
CA LYS A 341 -7.39 -6.93 10.43
C LYS A 341 -8.54 -6.14 9.85
N THR A 342 -8.65 -4.87 10.22
CA THR A 342 -9.65 -3.99 9.64
C THR A 342 -9.04 -3.34 8.40
N ALA A 343 -9.79 -2.49 7.70
CA ALA A 343 -9.25 -1.72 6.58
C ALA A 343 -8.09 -0.77 6.95
N MET A 344 -7.93 -0.48 8.24
CA MET A 344 -6.77 0.31 8.70
C MET A 344 -5.50 -0.55 8.74
N GLY A 345 -5.67 -1.86 8.64
CA GLY A 345 -4.58 -2.78 8.87
C GLY A 345 -4.38 -3.05 10.36
N TRP A 346 -5.37 -2.70 11.18
CA TRP A 346 -5.28 -2.90 12.63
C TRP A 346 -5.75 -4.32 13.01
N GLU A 347 -4.93 -5.06 13.72
CA GLU A 347 -5.32 -6.41 14.18
C GLU A 347 -6.48 -6.37 15.18
N ILE A 348 -7.42 -7.29 15.01
CA ILE A 348 -8.64 -7.32 15.82
C ILE A 348 -8.36 -8.22 17.01
N VAL A 349 -8.33 -7.63 18.21
CA VAL A 349 -7.96 -8.36 19.43
C VAL A 349 -8.92 -7.95 20.54
N PRO A 350 -10.13 -8.55 20.57
CA PRO A 350 -11.17 -8.11 21.48
C PRO A 350 -10.80 -8.17 22.94
N GLU A 351 -9.98 -9.16 23.33
CA GLU A 351 -9.57 -9.31 24.73
C GLU A 351 -8.81 -8.07 25.21
N GLY A 352 -8.26 -7.31 24.27
CA GLY A 352 -7.55 -6.07 24.60
C GLY A 352 -8.40 -5.08 25.36
N ILE A 353 -9.68 -4.99 25.03
CA ILE A 353 -10.60 -4.06 25.71
C ILE A 353 -10.88 -4.49 27.16
N TYR A 354 -10.98 -5.81 27.37
CA TYR A 354 -11.06 -6.35 28.72
C TYR A 354 -9.77 -6.06 29.51
N TRP A 355 -8.62 -6.34 28.91
CA TRP A 355 -7.35 -6.06 29.56
C TRP A 355 -7.20 -4.60 29.99
N ILE A 356 -7.52 -3.66 29.10
CA ILE A 356 -7.22 -2.26 29.38
C ILE A 356 -8.15 -1.75 30.49
N LEU A 357 -9.35 -2.32 30.55
CA LEU A 357 -10.30 -1.98 31.58
C LEU A 357 -9.88 -2.52 32.94
N LYS A 358 -9.42 -3.77 32.97
CA LYS A 358 -8.88 -4.39 34.19
C LYS A 358 -7.67 -3.59 34.67
N LYS A 359 -6.78 -3.30 33.74
CA LYS A 359 -5.52 -2.65 34.05
C LYS A 359 -5.71 -1.24 34.61
N VAL A 360 -6.66 -0.48 34.07
CA VAL A 360 -6.83 0.87 34.59
C VAL A 360 -7.36 0.86 36.05
N LYS A 361 -8.28 -0.06 36.35
CA LYS A 361 -8.74 -0.23 37.74
CA LYS A 361 -8.75 -0.28 37.73
C LYS A 361 -7.57 -0.61 38.64
N GLU A 362 -6.77 -1.56 38.19
CA GLU A 362 -5.67 -2.10 38.97
CA GLU A 362 -5.66 -2.10 38.96
C GLU A 362 -4.59 -1.05 39.22
N GLU A 363 -4.35 -0.20 38.22
CA GLU A 363 -3.28 0.77 38.35
C GLU A 363 -3.66 2.07 39.02
N TYR A 364 -4.83 2.64 38.67
CA TYR A 364 -5.23 3.95 39.17
C TYR A 364 -6.58 4.00 39.88
N ASN A 365 -7.36 2.92 39.74
CA ASN A 365 -8.68 2.83 40.34
C ASN A 365 -9.55 4.09 40.22
N PRO A 366 -9.76 4.58 38.97
CA PRO A 366 -10.60 5.77 38.83
C PRO A 366 -12.03 5.41 39.27
N PRO A 367 -12.79 6.40 39.77
CA PRO A 367 -14.12 6.11 40.32
C PRO A 367 -15.12 5.68 39.23
N GLU A 368 -14.98 6.22 38.02
CA GLU A 368 -15.80 5.82 36.89
C GLU A 368 -14.93 5.67 35.65
N VAL A 369 -15.32 4.74 34.77
CA VAL A 369 -14.65 4.60 33.47
C VAL A 369 -15.74 4.57 32.38
N TYR A 370 -15.41 5.12 31.22
CA TYR A 370 -16.22 4.92 30.01
C TYR A 370 -15.33 4.41 28.89
N ILE A 371 -15.89 3.56 28.04
CA ILE A 371 -15.26 3.30 26.76
C ILE A 371 -15.82 4.40 25.89
N THR A 372 -14.95 5.37 25.57
CA THR A 372 -15.40 6.59 24.86
C THR A 372 -15.30 6.48 23.34
N GLU A 373 -14.58 5.45 22.87
CA GLU A 373 -14.55 5.05 21.48
C GLU A 373 -14.17 3.58 21.38
N ASN A 374 -14.85 2.89 20.46
CA ASN A 374 -14.53 1.53 19.99
C ASN A 374 -15.25 1.40 18.65
N GLY A 375 -14.59 0.83 17.67
CA GLY A 375 -15.15 0.75 16.31
C GLY A 375 -14.16 0.20 15.33
N ALA A 376 -14.56 0.14 14.06
CA ALA A 376 -13.71 -0.48 13.02
C ALA A 376 -13.98 0.08 11.63
N ALA A 377 -12.92 0.16 10.82
CA ALA A 377 -13.08 0.58 9.44
C ALA A 377 -13.07 -0.66 8.59
N PHE A 378 -14.09 -0.78 7.74
CA PHE A 378 -14.16 -1.85 6.75
C PHE A 378 -14.55 -1.25 5.43
N ASP A 379 -14.34 -2.00 4.35
CA ASP A 379 -14.61 -1.48 3.03
C ASP A 379 -16.09 -1.68 2.71
N ASP A 380 -16.91 -0.78 3.25
CA ASP A 380 -18.35 -0.87 3.14
C ASP A 380 -18.84 -0.61 1.74
N VAL A 381 -19.80 -1.42 1.32
CA VAL A 381 -20.47 -1.21 0.05
CA VAL A 381 -20.46 -1.30 0.02
C VAL A 381 -21.97 -1.28 0.23
N VAL A 382 -22.67 -0.43 -0.53
CA VAL A 382 -24.13 -0.44 -0.56
C VAL A 382 -24.51 -1.52 -1.57
N SER A 383 -25.16 -2.58 -1.08
CA SER A 383 -25.59 -3.71 -1.93
C SER A 383 -26.74 -3.27 -2.82
N GLU A 384 -27.11 -4.12 -3.78
CA GLU A 384 -28.21 -3.79 -4.68
C GLU A 384 -29.53 -3.64 -3.92
N ASP A 385 -29.63 -4.28 -2.75
CA ASP A 385 -30.83 -4.22 -1.93
C ASP A 385 -30.94 -2.92 -1.12
N GLY A 386 -30.01 -1.99 -1.36
CA GLY A 386 -29.99 -0.69 -0.68
C GLY A 386 -29.41 -0.70 0.73
N ARG A 387 -28.92 -1.85 1.16
CA ARG A 387 -28.41 -2.02 2.52
CA ARG A 387 -28.41 -2.03 2.52
C ARG A 387 -26.89 -2.15 2.56
N VAL A 388 -26.31 -1.95 3.74
CA VAL A 388 -24.88 -2.15 3.92
C VAL A 388 -24.67 -3.35 4.85
N HIS A 389 -24.25 -4.47 4.29
CA HIS A 389 -24.17 -5.70 5.03
C HIS A 389 -22.84 -5.89 5.74
N ASP A 390 -22.59 -5.04 6.73
CA ASP A 390 -21.32 -5.04 7.43
C ASP A 390 -21.25 -6.03 8.60
N GLN A 391 -21.40 -7.31 8.28
CA GLN A 391 -21.27 -8.37 9.28
C GLN A 391 -19.92 -8.31 9.97
N ASN A 392 -18.88 -7.94 9.23
CA ASN A 392 -17.56 -7.78 9.82
C ASN A 392 -17.54 -6.78 10.99
N ARG A 393 -18.25 -5.66 10.82
CA ARG A 393 -18.32 -4.65 11.88
C ARG A 393 -19.18 -5.12 13.05
N ILE A 394 -20.28 -5.82 12.76
CA ILE A 394 -21.11 -6.39 13.82
C ILE A 394 -20.27 -7.33 14.66
N ASP A 395 -19.53 -8.23 14.00
CA ASP A 395 -18.73 -9.21 14.72
C ASP A 395 -17.69 -8.54 15.61
N TYR A 396 -17.08 -7.48 15.09
CA TYR A 396 -16.08 -6.68 15.80
C TYR A 396 -16.70 -6.05 17.05
N LEU A 397 -17.81 -5.34 16.89
CA LEU A 397 -18.45 -4.69 18.02
CA LEU A 397 -18.50 -4.68 18.01
C LEU A 397 -18.99 -5.68 19.05
N LYS A 398 -19.61 -6.77 18.56
CA LYS A 398 -20.16 -7.78 19.48
C LYS A 398 -19.08 -8.35 20.39
N ALA A 399 -17.95 -8.73 19.81
CA ALA A 399 -16.84 -9.29 20.55
C ALA A 399 -16.30 -8.33 21.62
N HIS A 400 -16.24 -7.04 21.28
CA HIS A 400 -15.66 -6.06 22.20
C HIS A 400 -16.65 -5.71 23.29
N ILE A 401 -17.93 -5.59 22.95
CA ILE A 401 -18.98 -5.38 23.95
C ILE A 401 -19.01 -6.56 24.96
N GLY A 402 -18.77 -7.77 24.48
CA GLY A 402 -18.78 -8.96 25.34
C GLY A 402 -17.63 -8.93 26.35
N GLN A 403 -16.49 -8.44 25.89
CA GLN A 403 -15.29 -8.30 26.72
C GLN A 403 -15.45 -7.18 27.75
N ALA A 404 -16.13 -6.11 27.35
CA ALA A 404 -16.46 -5.01 28.27
C ALA A 404 -17.42 -5.49 29.37
N TRP A 405 -18.44 -6.25 28.98
CA TRP A 405 -19.35 -6.90 29.92
C TRP A 405 -18.59 -7.70 30.97
N LYS A 406 -17.59 -8.45 30.52
CA LYS A 406 -16.74 -9.28 31.39
C LYS A 406 -16.10 -8.43 32.49
N ALA A 407 -15.47 -7.33 32.07
CA ALA A 407 -14.83 -6.38 32.96
C ALA A 407 -15.78 -5.87 34.03
N ILE A 408 -17.02 -5.60 33.64
CA ILE A 408 -18.07 -5.19 34.58
C ILE A 408 -18.34 -6.27 35.62
N GLN A 409 -18.45 -7.52 35.16
CA GLN A 409 -18.72 -8.65 36.07
C GLN A 409 -17.62 -8.76 37.12
N GLU A 410 -16.41 -8.35 36.73
CA GLU A 410 -15.24 -8.41 37.61
C GLU A 410 -14.93 -7.10 38.32
N GLY A 411 -15.90 -6.19 38.38
CA GLY A 411 -15.80 -5.04 39.29
C GLY A 411 -15.29 -3.73 38.71
N VAL A 412 -15.01 -3.68 37.41
CA VAL A 412 -14.65 -2.40 36.78
C VAL A 412 -15.89 -1.51 36.69
N PRO A 413 -15.78 -0.26 37.22
CA PRO A 413 -16.92 0.65 37.21
C PRO A 413 -17.13 1.32 35.83
N LEU A 414 -17.34 0.48 34.81
CA LEU A 414 -17.70 0.95 33.45
C LEU A 414 -19.14 1.45 33.41
N LYS A 415 -19.31 2.74 33.11
CA LYS A 415 -20.63 3.38 33.16
C LYS A 415 -21.26 3.54 31.77
N GLY A 416 -20.44 3.43 30.74
CA GLY A 416 -20.94 3.64 29.37
C GLY A 416 -19.99 3.11 28.32
N TYR A 417 -20.50 3.02 27.10
CA TYR A 417 -19.74 2.51 25.97
C TYR A 417 -20.19 3.28 24.73
N PHE A 418 -19.24 3.91 24.02
CA PHE A 418 -19.54 4.72 22.82
C PHE A 418 -18.93 4.12 21.55
N VAL A 419 -19.77 3.92 20.53
CA VAL A 419 -19.27 3.38 19.28
C VAL A 419 -18.68 4.55 18.46
N TRP A 420 -17.46 4.36 17.97
CA TRP A 420 -16.89 5.27 16.98
C TRP A 420 -17.15 4.59 15.64
N SER A 421 -17.94 5.21 14.76
CA SER A 421 -18.56 6.53 14.92
C SER A 421 -20.03 6.42 14.48
N LEU A 422 -20.87 7.41 14.80
CA LEU A 422 -22.20 7.47 14.21
C LEU A 422 -22.12 7.40 12.66
N LEU A 423 -21.20 8.19 12.09
CA LEU A 423 -21.18 8.45 10.65
C LEU A 423 -19.80 8.12 10.09
N ASP A 424 -19.76 7.68 8.84
CA ASP A 424 -18.49 7.64 8.10
C ASP A 424 -18.05 9.11 8.04
N ASN A 425 -16.75 9.35 8.12
CA ASN A 425 -16.31 10.72 8.21
C ASN A 425 -14.88 10.93 7.74
N PHE A 426 -14.38 12.15 7.93
CA PHE A 426 -13.00 12.49 7.55
C PHE A 426 -12.04 11.83 8.54
N GLU A 427 -11.35 10.78 8.12
CA GLU A 427 -10.48 10.05 9.02
C GLU A 427 -9.08 10.65 8.94
N TRP A 428 -8.95 11.93 9.31
CA TRP A 428 -7.63 12.57 9.48
C TRP A 428 -6.73 12.39 8.24
N ALA A 429 -5.48 11.96 8.40
CA ALA A 429 -4.57 11.85 7.27
C ALA A 429 -4.97 10.81 6.21
N GLU A 430 -5.95 9.96 6.53
CA GLU A 430 -6.48 8.98 5.56
C GLU A 430 -7.63 9.58 4.76
N GLY A 431 -8.07 10.79 5.12
CA GLY A 431 -9.22 11.40 4.46
C GLY A 431 -10.46 10.52 4.52
N TYR A 432 -11.23 10.55 3.43
CA TYR A 432 -12.54 9.86 3.39
C TYR A 432 -12.45 8.38 3.02
N SER A 433 -11.21 7.92 2.75
CA SER A 433 -10.94 6.52 2.36
C SER A 433 -11.22 5.47 3.45
N LYS A 434 -11.45 5.89 4.71
CA LYS A 434 -11.74 4.93 5.78
C LYS A 434 -13.04 5.23 6.48
N ARG A 435 -13.95 4.25 6.41
CA ARG A 435 -15.32 4.38 6.89
C ARG A 435 -15.49 3.64 8.23
N PHE A 436 -15.75 4.42 9.28
CA PHE A 436 -15.96 3.90 10.64
C PHE A 436 -17.42 3.98 11.11
N GLY A 437 -18.33 4.48 10.28
CA GLY A 437 -19.69 4.69 10.73
C GLY A 437 -20.45 3.41 10.99
N ILE A 438 -21.50 3.53 11.81
CA ILE A 438 -22.59 2.56 11.82
C ILE A 438 -23.70 3.07 10.87
N VAL A 439 -23.46 4.27 10.33
CA VAL A 439 -24.30 4.88 9.31
C VAL A 439 -23.38 5.24 8.15
N TYR A 440 -23.74 4.76 6.97
CA TYR A 440 -23.02 5.01 5.74
C TYR A 440 -23.34 6.40 5.19
N VAL A 441 -22.33 7.13 4.73
CA VAL A 441 -22.56 8.44 4.10
C VAL A 441 -22.09 8.37 2.65
N ASP A 442 -23.03 8.58 1.75
CA ASP A 442 -22.72 8.75 0.34
C ASP A 442 -22.35 10.21 0.17
N TYR A 443 -21.06 10.46 -0.04
CA TYR A 443 -20.56 11.84 -0.11
C TYR A 443 -20.99 12.62 -1.35
N SER A 444 -21.41 11.94 -2.42
CA SER A 444 -21.91 12.68 -3.61
C SER A 444 -23.28 13.32 -3.34
N THR A 445 -24.07 12.71 -2.46
CA THR A 445 -25.43 13.17 -2.17
C THR A 445 -25.66 13.59 -0.72
N GLN A 446 -24.73 13.20 0.16
CA GLN A 446 -24.88 13.31 1.62
C GLN A 446 -25.98 12.40 2.20
N LYS A 447 -26.49 11.47 1.39
CA LYS A 447 -27.47 10.51 1.90
C LYS A 447 -26.85 9.65 3.01
N ARG A 448 -27.61 9.47 4.08
CA ARG A 448 -27.25 8.56 5.18
C ARG A 448 -27.99 7.24 4.98
N ILE A 449 -27.27 6.14 5.07
CA ILE A 449 -27.84 4.79 5.04
C ILE A 449 -27.40 4.03 6.28
N VAL A 450 -28.36 3.73 7.17
CA VAL A 450 -28.00 2.99 8.39
C VAL A 450 -27.47 1.62 7.98
N LYS A 451 -26.28 1.28 8.45
CA LYS A 451 -25.65 -0.01 8.15
C LYS A 451 -26.26 -1.11 9.02
N ASP A 452 -25.99 -2.36 8.65
CA ASP A 452 -26.50 -3.49 9.43
C ASP A 452 -26.01 -3.39 10.87
N SER A 453 -24.75 -2.93 11.05
CA SER A 453 -24.18 -2.70 12.40
C SER A 453 -24.95 -1.69 13.23
N GLY A 454 -25.47 -0.63 12.61
CA GLY A 454 -26.31 0.35 13.33
C GLY A 454 -27.63 -0.26 13.81
N TYR A 455 -28.26 -1.03 12.94
CA TYR A 455 -29.51 -1.71 13.29
C TYR A 455 -29.27 -2.67 14.44
N TRP A 456 -28.20 -3.44 14.34
CA TRP A 456 -27.76 -4.40 15.33
C TRP A 456 -27.48 -3.72 16.67
N TYR A 457 -26.81 -2.57 16.60
CA TYR A 457 -26.46 -1.84 17.82
C TYR A 457 -27.71 -1.30 18.50
N SER A 458 -28.67 -0.82 17.72
CA SER A 458 -29.93 -0.30 18.26
CA SER A 458 -29.92 -0.30 18.27
C SER A 458 -30.62 -1.34 19.14
N ASN A 459 -30.52 -2.60 18.73
CA ASN A 459 -31.15 -3.72 19.44
C ASN A 459 -30.39 -3.99 20.73
N VAL A 460 -29.06 -3.95 20.66
CA VAL A 460 -28.23 -4.05 21.85
C VAL A 460 -28.64 -2.98 22.87
N VAL A 461 -28.79 -1.74 22.42
CA VAL A 461 -29.13 -0.66 23.34
C VAL A 461 -30.52 -0.87 23.95
N LYS A 462 -31.51 -1.16 23.11
CA LYS A 462 -32.89 -1.45 23.56
C LYS A 462 -32.94 -2.60 24.57
N ASN A 463 -32.16 -3.64 24.32
CA ASN A 463 -32.06 -4.80 25.21
C ASN A 463 -31.14 -4.58 26.42
N ASN A 464 -30.47 -3.42 26.46
CA ASN A 464 -29.37 -3.18 27.41
C ASN A 464 -28.34 -4.31 27.46
N GLY A 465 -27.98 -4.85 26.30
CA GLY A 465 -26.92 -5.85 26.21
C GLY A 465 -27.05 -6.82 25.06
N LEU A 466 -26.25 -7.90 25.12
CA LEU A 466 -26.17 -8.92 24.08
C LEU A 466 -27.04 -10.15 24.37
N GLU A 467 -27.44 -10.85 23.31
CA GLU A 467 -28.24 -12.08 23.44
C GLU A 467 -27.73 -13.18 22.51
N VAL B 25 -0.09 1.13 4.23
CA VAL B 25 0.68 1.87 3.19
C VAL B 25 2.08 1.27 2.97
N LYS B 26 2.46 1.19 1.70
CA LYS B 26 3.75 0.68 1.30
C LYS B 26 4.37 1.67 0.31
N LYS B 27 5.28 2.48 0.82
CA LYS B 27 5.94 3.49 -0.01
C LYS B 27 7.29 3.00 -0.47
N PHE B 28 7.56 3.22 -1.75
CA PHE B 28 8.80 2.75 -2.37
C PHE B 28 9.89 3.81 -2.27
N PRO B 29 11.18 3.40 -2.31
CA PRO B 29 12.30 4.33 -2.23
C PRO B 29 12.16 5.51 -3.19
N GLU B 30 12.84 6.61 -2.87
CA GLU B 30 12.78 7.79 -3.70
C GLU B 30 13.51 7.50 -5.01
N GLY B 31 12.85 7.82 -6.12
CA GLY B 31 13.42 7.58 -7.44
C GLY B 31 13.16 6.19 -8.01
N PHE B 32 12.41 5.36 -7.27
CA PHE B 32 11.94 4.06 -7.76
C PHE B 32 11.20 4.28 -9.07
N LEU B 33 11.49 3.43 -10.05
CA LEU B 33 10.97 3.60 -11.39
C LEU B 33 9.76 2.73 -11.66
N TRP B 34 8.64 3.36 -12.01
CA TRP B 34 7.42 2.64 -12.34
C TRP B 34 7.23 2.67 -13.85
N GLY B 35 7.06 1.49 -14.44
CA GLY B 35 6.93 1.41 -15.88
C GLY B 35 5.87 0.50 -16.43
N VAL B 36 5.80 0.50 -17.75
CA VAL B 36 4.99 -0.45 -18.50
C VAL B 36 5.86 -1.03 -19.61
N ALA B 37 5.57 -2.26 -20.03
CA ALA B 37 6.44 -2.95 -21.01
C ALA B 37 5.65 -3.48 -22.22
N THR B 38 6.32 -3.49 -23.38
CA THR B 38 5.76 -4.06 -24.61
C THR B 38 6.93 -4.74 -25.37
N ALA B 39 6.60 -5.47 -26.44
CA ALA B 39 7.64 -5.95 -27.39
C ALA B 39 7.24 -5.60 -28.83
N SER B 40 8.24 -5.34 -29.70
CA SER B 40 8.02 -4.98 -31.10
C SER B 40 7.01 -5.86 -31.85
N TYR B 41 7.30 -7.16 -32.00
CA TYR B 41 6.39 -8.03 -32.78
C TYR B 41 5.00 -8.12 -32.16
N GLN B 42 4.92 -8.00 -30.85
CA GLN B 42 3.63 -8.17 -30.17
C GLN B 42 2.66 -6.99 -30.41
N ILE B 43 3.19 -5.81 -30.70
CA ILE B 43 2.35 -4.61 -30.88
C ILE B 43 2.38 -3.91 -32.22
N GLU B 44 3.48 -4.01 -32.97
CA GLU B 44 3.71 -3.06 -34.07
C GLU B 44 2.87 -3.26 -35.34
N GLY B 45 2.69 -4.51 -35.77
CA GLY B 45 2.15 -4.75 -37.09
C GLY B 45 3.09 -4.17 -38.11
N SER B 46 2.67 -4.14 -39.38
CA SER B 46 3.53 -3.62 -40.45
C SER B 46 4.94 -4.22 -40.40
N PRO B 47 5.01 -5.56 -40.34
CA PRO B 47 6.33 -6.19 -40.18
C PRO B 47 7.24 -5.97 -41.39
N LEU B 48 6.64 -5.77 -42.58
CA LEU B 48 7.44 -5.55 -43.80
C LEU B 48 7.42 -4.13 -44.35
N ALA B 49 6.80 -3.20 -43.61
CA ALA B 49 6.78 -1.82 -44.06
C ALA B 49 8.16 -1.21 -44.04
N ASP B 50 8.40 -0.31 -44.99
CA ASP B 50 9.55 0.63 -44.98
C ASP B 50 10.93 -0.05 -45.02
N GLY B 51 11.00 -1.11 -45.83
CA GLY B 51 12.25 -1.78 -46.08
C GLY B 51 12.61 -2.87 -45.08
N ALA B 52 11.70 -3.17 -44.16
CA ALA B 52 12.02 -4.15 -43.11
C ALA B 52 12.20 -5.55 -43.69
N GLY B 53 13.17 -6.29 -43.13
CA GLY B 53 13.33 -7.70 -43.46
C GLY B 53 12.37 -8.52 -42.64
N MET B 54 12.04 -9.71 -43.14
CA MET B 54 11.16 -10.62 -42.42
C MET B 54 11.86 -11.06 -41.14
N SER B 55 11.09 -11.32 -40.10
CA SER B 55 11.63 -11.94 -38.87
C SER B 55 11.20 -13.40 -38.83
N ILE B 56 11.81 -14.16 -37.92
CA ILE B 56 11.41 -15.55 -37.71
C ILE B 56 9.99 -15.67 -37.18
N TRP B 57 9.46 -14.61 -36.55
CA TRP B 57 8.10 -14.65 -36.08
C TRP B 57 7.06 -14.43 -37.21
N HIS B 58 7.44 -13.64 -38.21
CA HIS B 58 6.63 -13.48 -39.41
C HIS B 58 6.49 -14.84 -40.08
N THR B 59 7.60 -15.50 -40.35
CA THR B 59 7.56 -16.78 -41.06
C THR B 59 6.95 -17.90 -40.21
N PHE B 60 7.26 -17.94 -38.90
CA PHE B 60 6.64 -18.91 -37.97
C PHE B 60 5.12 -18.72 -37.87
N SER B 61 4.66 -17.48 -37.71
CA SER B 61 3.19 -17.27 -37.59
C SER B 61 2.46 -17.47 -38.92
N HIS B 62 3.15 -17.29 -40.05
CA HIS B 62 2.55 -17.51 -41.38
C HIS B 62 2.60 -18.97 -41.82
N THR B 63 3.10 -19.82 -40.92
CA THR B 63 3.12 -21.27 -41.11
C THR B 63 1.87 -21.82 -40.42
N PRO B 64 0.97 -22.45 -41.20
CA PRO B 64 -0.24 -22.94 -40.56
C PRO B 64 0.05 -23.96 -39.46
N GLY B 65 -0.70 -23.85 -38.36
CA GLY B 65 -0.62 -24.82 -37.28
C GLY B 65 0.22 -24.36 -36.11
N ASN B 66 1.00 -23.31 -36.30
CA ASN B 66 1.89 -22.83 -35.24
C ASN B 66 1.28 -21.86 -34.21
N VAL B 67 0.27 -21.10 -34.63
CA VAL B 67 -0.34 -20.05 -33.78
C VAL B 67 -1.85 -20.26 -33.70
N LYS B 68 -2.42 -20.06 -32.53
CA LYS B 68 -3.85 -20.23 -32.33
C LYS B 68 -4.63 -19.39 -33.31
N ASN B 69 -5.67 -19.99 -33.87
CA ASN B 69 -6.57 -19.29 -34.79
C ASN B 69 -5.87 -18.79 -36.04
N GLY B 70 -4.62 -19.21 -36.26
CA GLY B 70 -3.83 -18.67 -37.36
C GLY B 70 -3.51 -17.19 -37.23
N ASP B 71 -3.49 -16.67 -36.01
CA ASP B 71 -3.12 -15.27 -35.81
C ASP B 71 -1.65 -15.02 -36.18
N THR B 72 -1.36 -13.80 -36.63
CA THR B 72 -0.03 -13.36 -36.96
C THR B 72 0.14 -11.97 -36.36
N GLY B 73 1.34 -11.42 -36.44
CA GLY B 73 1.58 -10.02 -36.05
C GLY B 73 1.52 -9.03 -37.21
N ASP B 74 0.76 -9.39 -38.25
CA ASP B 74 0.64 -8.56 -39.45
C ASP B 74 0.11 -7.16 -39.09
N VAL B 75 -0.80 -7.14 -38.11
CA VAL B 75 -1.52 -5.91 -37.74
C VAL B 75 -1.24 -5.59 -36.26
N ALA B 76 -1.52 -6.57 -35.40
CA ALA B 76 -1.36 -6.44 -33.95
C ALA B 76 -2.13 -5.22 -33.45
N CYS B 77 -1.46 -4.32 -32.76
CA CYS B 77 -2.10 -3.09 -32.25
C CYS B 77 -1.85 -1.92 -33.19
N ASP B 78 -1.28 -2.22 -34.36
CA ASP B 78 -0.92 -1.20 -35.36
C ASP B 78 -0.13 -0.08 -34.67
N HIS B 79 0.69 -0.44 -33.68
CA HIS B 79 1.58 0.54 -33.01
C HIS B 79 2.57 1.19 -33.97
N TYR B 80 2.90 0.52 -35.07
CA TYR B 80 3.72 1.15 -36.10
C TYR B 80 3.12 2.48 -36.54
N ASN B 81 1.80 2.56 -36.52
CA ASN B 81 1.14 3.80 -36.96
C ASN B 81 0.63 4.65 -35.80
N ARG B 82 0.23 4.01 -34.71
CA ARG B 82 -0.42 4.67 -33.58
C ARG B 82 0.46 4.83 -32.35
N TRP B 83 1.77 4.88 -32.58
CA TRP B 83 2.74 4.95 -31.48
C TRP B 83 2.49 6.19 -30.60
N LYS B 84 2.19 7.33 -31.24
CA LYS B 84 2.03 8.61 -30.51
C LYS B 84 0.88 8.54 -29.51
N GLU B 85 -0.29 8.07 -29.96
CA GLU B 85 -1.43 7.88 -29.07
C GLU B 85 -1.03 7.03 -27.89
N ASP B 86 -0.31 5.94 -28.17
CA ASP B 86 0.05 4.97 -27.15
C ASP B 86 0.98 5.56 -26.08
N ILE B 87 1.92 6.39 -26.51
CA ILE B 87 2.85 7.08 -25.62
C ILE B 87 2.11 8.17 -24.83
N GLU B 88 1.15 8.83 -25.48
CA GLU B 88 0.28 9.79 -24.80
C GLU B 88 -0.48 9.13 -23.68
N ILE B 89 -0.98 7.90 -23.91
CA ILE B 89 -1.61 7.12 -22.85
C ILE B 89 -0.68 6.90 -21.65
N ILE B 90 0.59 6.57 -21.94
CA ILE B 90 1.62 6.48 -20.91
C ILE B 90 1.76 7.85 -20.22
N GLU B 91 1.76 8.92 -21.01
CA GLU B 91 1.78 10.28 -20.44
C GLU B 91 0.57 10.51 -19.49
N LYS B 92 -0.64 10.27 -20.00
CA LYS B 92 -1.89 10.52 -19.27
C LYS B 92 -1.99 9.69 -17.98
N LEU B 93 -1.35 8.51 -17.96
CA LEU B 93 -1.31 7.67 -16.77
C LEU B 93 -0.19 8.05 -15.81
N GLY B 94 0.70 8.94 -16.23
CA GLY B 94 1.80 9.39 -15.39
C GLY B 94 2.94 8.38 -15.25
N VAL B 95 2.86 7.29 -16.03
CA VAL B 95 3.87 6.21 -15.94
C VAL B 95 5.26 6.77 -16.31
N LYS B 96 6.26 6.38 -15.51
CA LYS B 96 7.56 7.05 -15.59
C LYS B 96 8.57 6.39 -16.54
N ALA B 97 8.39 5.10 -16.82
CA ALA B 97 9.32 4.42 -17.76
C ALA B 97 8.55 3.61 -18.80
N TYR B 98 9.16 3.46 -19.97
CA TYR B 98 8.60 2.59 -21.01
C TYR B 98 9.67 1.58 -21.42
N ARG B 99 9.37 0.31 -21.19
CA ARG B 99 10.21 -0.79 -21.69
C ARG B 99 9.65 -1.26 -23.02
N PHE B 100 10.44 -1.10 -24.09
CA PHE B 100 10.01 -1.51 -25.42
C PHE B 100 11.16 -2.18 -26.16
N SER B 101 10.83 -3.04 -27.14
CA SER B 101 11.91 -3.65 -27.93
C SER B 101 12.05 -3.09 -29.31
N ILE B 102 13.25 -3.24 -29.88
CA ILE B 102 13.51 -2.85 -31.24
C ILE B 102 13.51 -4.10 -32.13
N SER B 103 12.85 -3.99 -33.28
CA SER B 103 12.89 -5.05 -34.29
C SER B 103 14.22 -5.05 -35.03
N TRP B 104 15.06 -6.04 -34.74
CA TRP B 104 16.31 -6.24 -35.46
C TRP B 104 16.15 -6.09 -36.98
N PRO B 105 15.23 -6.86 -37.61
CA PRO B 105 15.06 -6.80 -39.08
C PRO B 105 14.49 -5.48 -39.66
N ARG B 106 13.97 -4.59 -38.80
CA ARG B 106 13.68 -3.20 -39.23
C ARG B 106 14.95 -2.41 -39.39
N ILE B 107 15.97 -2.71 -38.59
CA ILE B 107 17.22 -1.96 -38.56
C ILE B 107 18.21 -2.53 -39.59
N LEU B 108 18.31 -3.85 -39.61
CA LEU B 108 19.23 -4.52 -40.50
C LEU B 108 18.43 -5.63 -41.15
N PRO B 109 17.82 -5.32 -42.31
CA PRO B 109 16.89 -6.25 -42.93
C PRO B 109 17.51 -7.60 -43.30
N GLU B 110 18.83 -7.63 -43.50
CA GLU B 110 19.56 -8.88 -43.79
CA GLU B 110 19.55 -8.89 -43.79
C GLU B 110 20.28 -9.42 -42.54
N GLY B 111 19.94 -8.86 -41.39
CA GLY B 111 20.60 -9.24 -40.16
C GLY B 111 21.94 -8.53 -39.91
N THR B 112 22.76 -8.40 -40.95
CA THR B 112 24.03 -7.67 -40.86
C THR B 112 24.11 -6.82 -42.13
N GLY B 113 25.08 -5.92 -42.16
CA GLY B 113 25.32 -5.14 -43.39
C GLY B 113 24.58 -3.82 -43.40
N ARG B 114 23.77 -3.65 -44.44
CA ARG B 114 23.08 -2.39 -44.73
C ARG B 114 22.09 -2.01 -43.62
N VAL B 115 22.24 -0.79 -43.08
CA VAL B 115 21.27 -0.25 -42.12
C VAL B 115 20.08 0.39 -42.83
N ASN B 116 18.87 0.16 -42.32
CA ASN B 116 17.65 0.68 -42.91
C ASN B 116 17.30 1.99 -42.21
N GLN B 117 17.48 3.10 -42.93
CA GLN B 117 17.23 4.44 -42.37
C GLN B 117 15.82 4.61 -41.80
N LYS B 118 14.80 4.13 -42.50
CA LYS B 118 13.43 4.26 -42.03
C LYS B 118 13.16 3.48 -40.75
N GLY B 119 13.87 2.37 -40.55
CA GLY B 119 13.80 1.65 -39.27
C GLY B 119 14.38 2.49 -38.14
N LEU B 120 15.52 3.12 -38.42
CA LEU B 120 16.10 4.04 -37.43
C LEU B 120 15.15 5.20 -37.11
N ASP B 121 14.55 5.76 -38.17
CA ASP B 121 13.56 6.85 -38.04
C ASP B 121 12.39 6.48 -37.14
N PHE B 122 11.83 5.28 -37.32
CA PHE B 122 10.69 4.85 -36.52
C PHE B 122 10.98 4.91 -35.02
N TYR B 123 12.11 4.35 -34.62
CA TYR B 123 12.46 4.28 -33.19
C TYR B 123 12.97 5.61 -32.65
N ASN B 124 13.68 6.38 -33.46
CA ASN B 124 14.10 7.74 -33.05
C ASN B 124 12.95 8.70 -32.70
N ARG B 125 11.86 8.66 -33.47
CA ARG B 125 10.64 9.41 -33.15
C ARG B 125 10.02 8.96 -31.83
N ILE B 126 10.07 7.65 -31.57
CA ILE B 126 9.53 7.11 -30.34
C ILE B 126 10.39 7.54 -29.15
N ILE B 127 11.71 7.54 -29.35
CA ILE B 127 12.66 7.91 -28.30
C ILE B 127 12.53 9.42 -28.00
N ASP B 128 12.46 10.23 -29.04
CA ASP B 128 12.32 11.69 -28.86
C ASP B 128 11.03 12.05 -28.12
N THR B 129 9.92 11.44 -28.51
CA THR B 129 8.63 11.67 -27.85
C THR B 129 8.70 11.32 -26.35
N LEU B 130 9.14 10.10 -26.04
CA LEU B 130 9.23 9.64 -24.65
C LEU B 130 10.02 10.61 -23.78
N LEU B 131 11.18 11.06 -24.27
CA LEU B 131 12.05 11.99 -23.51
C LEU B 131 11.38 13.38 -23.36
N GLU B 132 10.73 13.81 -24.45
CA GLU B 132 9.92 15.03 -24.54
C GLU B 132 8.82 15.06 -23.50
N LYS B 133 8.30 13.88 -23.15
CA LYS B 133 7.29 13.77 -22.11
C LYS B 133 7.85 13.34 -20.78
N GLY B 134 9.17 13.31 -20.67
CA GLY B 134 9.83 12.89 -19.43
C GLY B 134 9.59 11.44 -19.03
N ILE B 135 9.39 10.56 -20.03
CA ILE B 135 9.25 9.11 -19.81
C ILE B 135 10.62 8.46 -20.08
N THR B 136 11.11 7.61 -19.17
CA THR B 136 12.46 7.01 -19.33
C THR B 136 12.41 5.76 -20.20
N PRO B 137 13.12 5.75 -21.34
CA PRO B 137 13.15 4.57 -22.21
C PRO B 137 14.10 3.46 -21.73
N PHE B 138 13.55 2.25 -21.57
CA PHE B 138 14.30 1.02 -21.35
C PHE B 138 14.23 0.14 -22.59
N VAL B 139 15.36 -0.03 -23.26
CA VAL B 139 15.30 -0.68 -24.59
C VAL B 139 15.75 -2.14 -24.50
N THR B 140 14.87 -3.04 -24.93
CA THR B 140 15.21 -4.45 -25.14
C THR B 140 15.74 -4.56 -26.56
N ILE B 141 17.02 -4.89 -26.67
CA ILE B 141 17.67 -5.06 -27.95
C ILE B 141 17.04 -6.26 -28.69
N TYR B 142 16.86 -7.38 -27.97
CA TYR B 142 16.32 -8.60 -28.58
C TYR B 142 15.11 -9.14 -27.85
N HIS B 143 13.94 -9.02 -28.46
CA HIS B 143 12.73 -9.64 -27.90
C HIS B 143 12.09 -10.60 -28.91
N TRP B 144 12.96 -11.44 -29.50
CA TRP B 144 12.62 -12.72 -30.15
C TRP B 144 12.41 -12.65 -31.64
N ASP B 145 12.43 -11.43 -32.19
CA ASP B 145 12.16 -11.24 -33.63
C ASP B 145 13.46 -11.21 -34.45
N LEU B 146 14.13 -12.35 -34.48
CA LEU B 146 15.40 -12.50 -35.18
C LEU B 146 15.15 -12.27 -36.65
N PRO B 147 16.06 -11.56 -37.35
CA PRO B 147 15.96 -11.51 -38.82
C PRO B 147 15.93 -12.92 -39.42
N PHE B 148 14.97 -13.17 -40.31
CA PHE B 148 14.88 -14.44 -41.01
C PHE B 148 16.19 -14.77 -41.75
N ALA B 149 16.84 -13.74 -42.32
CA ALA B 149 18.13 -13.89 -43.00
C ALA B 149 19.17 -14.62 -42.13
N LEU B 150 19.18 -14.35 -40.83
CA LEU B 150 20.14 -14.98 -39.92
C LEU B 150 19.69 -16.38 -39.51
N GLN B 151 18.38 -16.64 -39.47
CA GLN B 151 17.86 -18.01 -39.21
C GLN B 151 18.28 -18.94 -40.36
N LEU B 152 18.35 -18.41 -41.57
CA LEU B 152 18.80 -19.21 -42.73
C LEU B 152 20.25 -19.66 -42.54
N LYS B 153 20.97 -18.93 -41.71
CA LYS B 153 22.35 -19.22 -41.35
C LYS B 153 22.52 -19.90 -40.00
N GLY B 154 21.42 -20.43 -39.47
CA GLY B 154 21.45 -21.19 -38.23
C GLY B 154 20.95 -20.43 -37.01
N GLY B 155 20.77 -19.11 -37.15
CA GLY B 155 20.29 -18.31 -36.00
C GLY B 155 21.09 -18.55 -34.75
N TRP B 156 20.40 -18.79 -33.64
CA TRP B 156 21.07 -18.92 -32.32
C TRP B 156 21.93 -20.19 -32.21
N ALA B 157 21.77 -21.09 -33.16
CA ALA B 157 22.59 -22.31 -33.20
C ALA B 157 24.03 -22.01 -33.69
N ASN B 158 24.19 -20.90 -34.41
CA ASN B 158 25.47 -20.61 -35.04
C ASN B 158 26.33 -19.74 -34.15
N ARG B 159 27.54 -20.20 -33.83
CA ARG B 159 28.45 -19.40 -32.96
C ARG B 159 28.65 -17.98 -33.49
N GLU B 160 28.53 -17.82 -34.80
CA GLU B 160 28.80 -16.65 -37.42
CA GLU B 160 28.70 -16.52 -35.44
C GLU B 160 27.67 -15.47 -35.03
N ILE B 161 26.57 -15.89 -34.43
CA ILE B 161 25.55 -14.94 -33.96
C ILE B 161 26.13 -14.00 -32.90
N ALA B 162 27.17 -14.40 -32.18
CA ALA B 162 27.81 -13.43 -31.24
C ALA B 162 28.33 -12.21 -32.01
N ASP B 163 28.83 -12.42 -33.22
CA ASP B 163 29.29 -11.31 -34.08
C ASP B 163 28.13 -10.51 -34.62
N TRP B 164 27.12 -11.22 -35.15
CA TRP B 164 25.95 -10.56 -35.71
C TRP B 164 25.28 -9.66 -34.66
N PHE B 165 25.16 -10.19 -33.45
CA PHE B 165 24.50 -9.51 -32.35
C PHE B 165 25.33 -8.31 -31.86
N ALA B 166 26.64 -8.48 -31.82
CA ALA B 166 27.56 -7.39 -31.48
C ALA B 166 27.41 -6.24 -32.51
N GLU B 167 27.36 -6.57 -33.80
CA GLU B 167 27.19 -5.56 -34.86
C GLU B 167 25.83 -4.83 -34.76
N TYR B 168 24.78 -5.60 -34.54
CA TYR B 168 23.46 -5.05 -34.37
C TYR B 168 23.42 -4.12 -33.16
N SER B 169 23.95 -4.59 -32.03
CA SER B 169 23.97 -3.82 -30.80
CA SER B 169 23.96 -3.81 -30.80
C SER B 169 24.74 -2.50 -30.98
N ARG B 170 25.89 -2.58 -31.67
CA ARG B 170 26.68 -1.39 -31.99
C ARG B 170 25.87 -0.35 -32.79
N VAL B 171 25.11 -0.79 -33.78
CA VAL B 171 24.27 0.12 -34.57
C VAL B 171 23.25 0.84 -33.67
N LEU B 172 22.59 0.09 -32.78
CA LEU B 172 21.66 0.66 -31.79
C LEU B 172 22.37 1.62 -30.84
N PHE B 173 23.55 1.23 -30.34
CA PHE B 173 24.26 2.07 -29.37
C PHE B 173 24.69 3.38 -30.02
N GLU B 174 25.24 3.31 -31.23
CA GLU B 174 25.76 4.50 -31.92
C GLU B 174 24.63 5.46 -32.34
N ASN B 175 23.49 4.90 -32.72
CA ASN B 175 22.37 5.73 -33.18
C ASN B 175 21.45 6.20 -32.09
N PHE B 176 21.30 5.42 -31.02
CA PHE B 176 20.33 5.72 -29.96
C PHE B 176 20.93 5.95 -28.59
N GLY B 177 22.24 5.72 -28.45
CA GLY B 177 22.89 5.72 -27.13
C GLY B 177 22.99 7.08 -26.43
N ASP B 178 22.93 8.15 -27.23
CA ASP B 178 22.98 9.54 -26.72
C ASP B 178 21.76 9.89 -25.86
N ARG B 179 20.64 9.23 -26.11
CA ARG B 179 19.40 9.49 -25.38
C ARG B 179 18.93 8.30 -24.56
N VAL B 180 19.14 7.10 -25.09
CA VAL B 180 18.80 5.91 -24.32
C VAL B 180 20.01 5.46 -23.52
N LYS B 181 19.82 5.37 -22.20
CA LYS B 181 20.90 5.07 -21.24
C LYS B 181 20.59 3.82 -20.42
N ASN B 182 19.49 3.16 -20.73
CA ASN B 182 19.10 1.94 -20.01
C ASN B 182 18.79 0.83 -21.01
N TRP B 183 19.58 -0.23 -21.00
CA TRP B 183 19.52 -1.22 -22.09
C TRP B 183 19.44 -2.65 -21.55
N ILE B 184 18.76 -3.51 -22.30
CA ILE B 184 18.60 -4.91 -21.95
C ILE B 184 19.08 -5.67 -23.20
N THR B 185 20.00 -6.61 -23.03
CA THR B 185 20.52 -7.34 -24.20
C THR B 185 19.41 -8.27 -24.71
N LEU B 186 19.01 -9.19 -23.86
CA LEU B 186 18.12 -10.27 -24.24
C LEU B 186 16.92 -10.37 -23.32
N ASN B 187 15.74 -10.57 -23.91
CA ASN B 187 14.56 -10.95 -23.15
C ASN B 187 14.42 -12.47 -23.06
N GLU B 188 14.49 -13.02 -21.85
CA GLU B 188 14.11 -14.41 -21.56
C GLU B 188 14.84 -15.42 -22.49
N PRO B 189 16.18 -15.43 -22.44
CA PRO B 189 16.94 -16.37 -23.28
C PRO B 189 16.57 -17.84 -23.05
N TRP B 190 16.09 -18.19 -21.84
CA TRP B 190 15.63 -19.56 -21.61
C TRP B 190 14.50 -19.93 -22.57
N VAL B 191 13.56 -19.00 -22.75
CA VAL B 191 12.44 -19.23 -23.66
C VAL B 191 12.97 -19.31 -25.08
N VAL B 192 13.78 -18.34 -25.46
CA VAL B 192 14.35 -18.32 -26.81
C VAL B 192 14.98 -19.67 -27.17
N ALA B 193 15.79 -20.18 -26.25
CA ALA B 193 16.51 -21.43 -26.50
C ALA B 193 15.57 -22.63 -26.42
N ILE B 194 14.91 -22.80 -25.28
CA ILE B 194 14.21 -24.04 -25.01
C ILE B 194 12.86 -24.10 -25.70
N VAL B 195 12.08 -23.04 -25.59
CA VAL B 195 10.76 -23.04 -26.20
C VAL B 195 10.88 -22.94 -27.74
N GLY B 196 11.85 -22.17 -28.22
CA GLY B 196 12.06 -22.04 -29.67
C GLY B 196 12.77 -23.19 -30.35
N HIS B 197 13.62 -23.92 -29.58
CA HIS B 197 14.51 -24.93 -30.21
C HIS B 197 14.42 -26.34 -29.62
N LEU B 198 13.74 -26.50 -28.48
CA LEU B 198 13.51 -27.83 -27.94
C LEU B 198 12.04 -28.23 -28.00
N TYR B 199 11.16 -27.37 -27.55
CA TYR B 199 9.73 -27.65 -27.56
C TYR B 199 9.13 -27.37 -28.91
N GLY B 200 9.75 -26.46 -29.67
CA GLY B 200 9.29 -26.12 -31.01
C GLY B 200 8.03 -25.26 -31.05
N VAL B 201 7.67 -24.67 -29.91
CA VAL B 201 6.39 -23.95 -29.69
C VAL B 201 6.51 -22.50 -30.12
N HIS B 202 7.74 -21.97 -30.08
CA HIS B 202 8.03 -20.63 -30.55
C HIS B 202 9.00 -20.69 -31.75
N ALA B 203 9.09 -19.60 -32.50
CA ALA B 203 10.03 -19.51 -33.61
C ALA B 203 11.45 -19.78 -33.07
N PRO B 204 12.29 -20.47 -33.85
CA PRO B 204 12.04 -21.00 -35.22
C PRO B 204 11.37 -22.38 -35.28
N GLY B 205 10.84 -22.89 -34.17
CA GLY B 205 9.95 -24.03 -34.20
C GLY B 205 10.66 -25.37 -34.32
N MET B 206 11.85 -25.46 -33.70
CA MET B 206 12.69 -26.65 -33.74
CA MET B 206 12.67 -26.66 -33.75
C MET B 206 12.52 -27.51 -32.49
N ARG B 207 12.79 -28.83 -32.64
CA ARG B 207 12.84 -29.75 -31.51
CA ARG B 207 12.83 -29.76 -31.53
CA ARG B 207 12.84 -29.75 -31.51
C ARG B 207 14.12 -30.57 -31.56
N ASP B 208 15.20 -29.98 -31.05
CA ASP B 208 16.49 -30.65 -31.01
C ASP B 208 17.24 -30.15 -29.77
N ILE B 209 17.49 -31.06 -28.82
CA ILE B 209 18.06 -30.65 -27.53
C ILE B 209 19.52 -30.19 -27.62
N TYR B 210 20.24 -30.74 -28.60
CA TYR B 210 21.63 -30.32 -28.83
C TYR B 210 21.66 -28.92 -29.40
N VAL B 211 20.75 -28.64 -30.32
CA VAL B 211 20.63 -27.28 -30.83
C VAL B 211 20.23 -26.33 -29.69
N ALA B 212 19.27 -26.74 -28.87
CA ALA B 212 18.72 -25.88 -27.82
C ALA B 212 19.80 -25.46 -26.82
N PHE B 213 20.64 -26.38 -26.39
CA PHE B 213 21.75 -25.99 -25.47
C PHE B 213 22.88 -25.19 -26.12
N ARG B 214 23.05 -25.40 -27.43
CA ARG B 214 23.98 -24.54 -28.12
C ARG B 214 23.42 -23.14 -28.24
N ALA B 215 22.09 -23.03 -28.43
CA ALA B 215 21.43 -21.72 -28.37
C ALA B 215 21.60 -21.05 -26.99
N VAL B 216 21.39 -21.81 -25.91
CA VAL B 216 21.68 -21.30 -24.54
C VAL B 216 23.06 -20.65 -24.46
N HIS B 217 24.05 -21.41 -24.92
CA HIS B 217 25.45 -20.99 -24.92
C HIS B 217 25.76 -19.80 -25.83
N ASN B 218 25.24 -19.80 -27.05
CA ASN B 218 25.42 -18.65 -27.92
C ASN B 218 24.68 -17.40 -27.48
N LEU B 219 23.54 -17.58 -26.81
CA LEU B 219 22.84 -16.43 -26.20
C LEU B 219 23.77 -15.73 -25.22
N LEU B 220 24.40 -16.51 -24.35
CA LEU B 220 25.33 -15.93 -23.36
C LEU B 220 26.51 -15.25 -24.05
N ARG B 221 27.07 -15.92 -25.04
CA ARG B 221 28.19 -15.36 -25.79
C ARG B 221 27.83 -14.03 -26.48
N ALA B 222 26.67 -13.99 -27.13
CA ALA B 222 26.20 -12.77 -27.82
C ALA B 222 25.89 -11.65 -26.82
N HIS B 223 25.17 -11.99 -25.75
CA HIS B 223 24.98 -11.06 -24.64
C HIS B 223 26.28 -10.36 -24.20
N ALA B 224 27.29 -11.16 -23.90
CA ALA B 224 28.55 -10.63 -23.38
C ALA B 224 29.26 -9.74 -24.39
N ARG B 225 29.21 -10.09 -25.68
CA ARG B 225 29.80 -9.29 -26.77
C ARG B 225 29.11 -7.93 -26.85
N ALA B 226 27.78 -7.93 -26.68
CA ALA B 226 26.98 -6.70 -26.70
C ALA B 226 27.37 -5.80 -25.53
N VAL B 227 27.52 -6.40 -24.35
CA VAL B 227 27.93 -5.63 -23.17
C VAL B 227 29.30 -4.98 -23.43
N LYS B 228 30.25 -5.76 -23.93
CA LYS B 228 31.60 -5.28 -24.23
C LYS B 228 31.56 -4.11 -25.22
N VAL B 229 30.74 -4.21 -26.25
CA VAL B 229 30.50 -3.12 -27.22
C VAL B 229 29.87 -1.92 -26.53
N PHE B 230 29.00 -2.20 -25.56
CA PHE B 230 28.30 -1.15 -24.83
C PHE B 230 29.31 -0.26 -24.09
N ARG B 231 30.28 -0.88 -23.42
CA ARG B 231 31.32 -0.14 -22.69
C ARG B 231 32.10 0.81 -23.61
N GLU B 232 32.25 0.40 -24.87
CA GLU B 232 32.97 1.15 -25.90
C GLU B 232 32.20 2.33 -26.48
N THR B 233 30.87 2.31 -26.37
CA THR B 233 30.04 3.21 -27.18
C THR B 233 29.02 4.05 -26.39
N VAL B 234 28.67 3.65 -25.17
CA VAL B 234 27.70 4.44 -24.42
C VAL B 234 28.22 4.90 -23.07
N LYS B 235 28.27 6.22 -22.89
CA LYS B 235 28.72 6.86 -21.64
C LYS B 235 27.54 7.10 -20.71
N ASP B 236 27.75 6.83 -19.43
CA ASP B 236 26.73 7.01 -18.41
C ASP B 236 25.48 6.19 -18.72
N GLY B 237 25.67 5.00 -19.28
CA GLY B 237 24.55 4.09 -19.51
C GLY B 237 24.64 2.88 -18.60
N LYS B 238 23.50 2.18 -18.48
CA LYS B 238 23.44 0.93 -17.74
C LYS B 238 22.92 -0.16 -18.69
N ILE B 239 23.47 -1.37 -18.55
CA ILE B 239 23.08 -2.53 -19.36
C ILE B 239 22.85 -3.76 -18.49
N GLY B 240 21.81 -4.51 -18.85
CA GLY B 240 21.43 -5.71 -18.13
C GLY B 240 20.87 -6.73 -19.08
N ILE B 241 20.15 -7.69 -18.50
CA ILE B 241 19.66 -8.86 -19.21
C ILE B 241 18.47 -9.30 -18.41
N VAL B 242 17.47 -9.84 -19.10
CA VAL B 242 16.17 -10.19 -18.53
C VAL B 242 15.88 -11.70 -18.56
N PHE B 243 15.48 -12.24 -17.40
CA PHE B 243 15.17 -13.67 -17.24
C PHE B 243 13.74 -13.91 -16.80
N ASN B 244 13.11 -14.91 -17.41
CA ASN B 244 11.88 -15.43 -16.90
C ASN B 244 12.17 -16.28 -15.67
N ASN B 245 11.21 -16.32 -14.75
CA ASN B 245 11.35 -17.04 -13.52
C ASN B 245 9.97 -17.50 -13.04
N GLY B 246 9.91 -18.71 -12.49
CA GLY B 246 8.75 -19.17 -11.74
C GLY B 246 9.13 -19.50 -10.31
N TYR B 247 8.14 -19.49 -9.43
CA TYR B 247 8.36 -19.94 -8.06
C TYR B 247 8.01 -21.42 -7.96
N PHE B 248 9.02 -22.27 -7.89
CA PHE B 248 8.86 -23.73 -7.80
C PHE B 248 8.83 -24.20 -6.34
N GLU B 249 7.83 -25.01 -6.01
CA GLU B 249 7.73 -25.59 -4.67
C GLU B 249 7.61 -27.11 -4.81
N PRO B 250 8.07 -27.88 -3.80
CA PRO B 250 7.99 -29.33 -3.86
C PRO B 250 6.61 -29.86 -3.50
N ALA B 251 6.21 -30.95 -4.15
CA ALA B 251 4.89 -31.54 -3.94
C ALA B 251 4.80 -32.21 -2.58
N SER B 252 5.94 -32.70 -2.09
CA SER B 252 6.05 -33.31 -0.77
C SER B 252 7.37 -32.90 -0.13
N GLU B 253 7.56 -33.29 1.13
CA GLU B 253 8.83 -33.05 1.81
C GLU B 253 9.86 -34.12 1.47
N LYS B 254 9.53 -35.04 0.58
CA LYS B 254 10.50 -36.06 0.11
C LYS B 254 11.71 -35.42 -0.54
N GLU B 255 12.89 -36.02 -0.31
CA GLU B 255 14.17 -35.44 -0.77
C GLU B 255 14.24 -35.25 -2.29
N GLU B 256 13.72 -36.22 -3.04
CA GLU B 256 13.75 -36.18 -4.50
C GLU B 256 12.86 -35.07 -5.09
N ASP B 257 11.86 -34.64 -4.34
CA ASP B 257 10.97 -33.54 -4.76
C ASP B 257 11.62 -32.19 -4.49
N ILE B 258 12.32 -32.09 -3.37
CA ILE B 258 13.03 -30.87 -3.01
C ILE B 258 14.15 -30.63 -4.03
N ARG B 259 14.80 -31.72 -4.42
CA ARG B 259 15.86 -31.67 -5.42
CA ARG B 259 15.87 -31.71 -5.42
C ARG B 259 15.30 -31.38 -6.81
N ALA B 260 14.09 -31.86 -7.08
CA ALA B 260 13.40 -31.54 -8.32
C ALA B 260 13.15 -30.04 -8.42
N VAL B 261 12.81 -29.40 -7.30
CA VAL B 261 12.64 -27.95 -7.26
C VAL B 261 13.98 -27.28 -7.57
N ARG B 262 15.05 -27.79 -6.98
CA ARG B 262 16.37 -27.20 -7.10
C ARG B 262 16.78 -27.23 -8.59
N PHE B 263 16.50 -28.35 -9.25
CA PHE B 263 16.80 -28.47 -10.69
C PHE B 263 15.97 -27.47 -11.48
N MET B 264 14.66 -27.37 -11.18
CA MET B 264 13.80 -26.42 -11.90
C MET B 264 14.27 -25.01 -11.73
N HIS B 265 14.68 -24.66 -10.51
CA HIS B 265 15.19 -23.33 -10.26
C HIS B 265 16.48 -23.12 -11.08
N GLN B 266 17.41 -24.07 -11.01
CA GLN B 266 18.70 -23.93 -11.70
C GLN B 266 18.53 -23.86 -13.25
N PHE B 267 17.59 -24.63 -13.79
CA PHE B 267 17.41 -24.69 -15.25
C PHE B 267 16.46 -23.62 -15.83
N ASN B 268 15.28 -23.47 -15.21
CA ASN B 268 14.21 -22.61 -15.73
CA ASN B 268 14.23 -22.60 -15.74
C ASN B 268 14.37 -21.16 -15.30
N ASN B 269 15.10 -20.93 -14.19
CA ASN B 269 15.25 -19.57 -13.64
C ASN B 269 16.62 -18.93 -13.95
N TYR B 270 16.84 -17.71 -13.42
CA TYR B 270 18.07 -16.94 -13.66
C TYR B 270 19.42 -17.70 -13.50
N PRO B 271 19.53 -18.73 -12.60
CA PRO B 271 20.86 -19.35 -12.49
C PRO B 271 21.46 -19.92 -13.78
N LEU B 272 20.60 -20.38 -14.70
CA LEU B 272 21.13 -20.98 -15.93
C LEU B 272 22.09 -20.00 -16.59
N PHE B 273 21.77 -18.72 -16.53
CA PHE B 273 22.56 -17.65 -17.14
C PHE B 273 23.43 -16.88 -16.16
N LEU B 274 22.92 -16.71 -14.94
CA LEU B 274 23.72 -15.97 -13.96
C LEU B 274 24.85 -16.76 -13.37
N ASN B 275 24.74 -18.08 -13.31
CA ASN B 275 25.87 -18.88 -12.85
C ASN B 275 27.06 -18.73 -13.83
N PRO B 276 26.81 -18.85 -15.16
CA PRO B 276 27.87 -18.47 -16.09
C PRO B 276 28.41 -17.03 -15.93
N ILE B 277 27.51 -16.03 -15.91
CA ILE B 277 27.91 -14.62 -15.86
C ILE B 277 28.70 -14.29 -14.58
N TYR B 278 28.19 -14.72 -13.42
CA TYR B 278 28.85 -14.47 -12.14
C TYR B 278 29.90 -15.49 -11.67
N ARG B 279 29.76 -16.76 -12.07
CA ARG B 279 30.66 -17.80 -11.56
C ARG B 279 31.44 -18.56 -12.63
N GLY B 280 31.11 -18.36 -13.91
CA GLY B 280 31.95 -18.92 -14.99
C GLY B 280 31.71 -20.40 -15.26
N ASP B 281 30.51 -20.88 -14.91
CA ASP B 281 30.05 -22.20 -15.36
C ASP B 281 28.53 -22.30 -15.18
N TYR B 282 27.91 -23.24 -15.86
CA TYR B 282 26.48 -23.55 -15.71
C TYR B 282 26.27 -24.16 -14.32
N PRO B 283 25.04 -24.03 -13.76
CA PRO B 283 24.73 -24.67 -12.45
C PRO B 283 24.94 -26.19 -12.48
N GLU B 284 25.32 -26.80 -11.35
CA GLU B 284 25.70 -28.19 -11.39
C GLU B 284 24.59 -29.16 -11.80
N LEU B 285 23.33 -28.89 -11.43
CA LEU B 285 22.28 -29.82 -11.83
C LEU B 285 21.93 -29.66 -13.31
N VAL B 286 22.18 -28.47 -13.86
CA VAL B 286 22.06 -28.23 -15.33
C VAL B 286 23.13 -29.08 -16.06
N LEU B 287 24.36 -29.03 -15.56
CA LEU B 287 25.42 -29.86 -16.12
C LEU B 287 25.19 -31.37 -15.98
N GLU B 288 24.62 -31.79 -14.85
CA GLU B 288 24.30 -33.19 -14.66
CA GLU B 288 24.28 -33.20 -14.65
C GLU B 288 23.31 -33.66 -15.73
N PHE B 289 22.30 -32.83 -15.99
CA PHE B 289 21.26 -33.13 -17.00
C PHE B 289 21.78 -33.00 -18.44
N ALA B 290 22.58 -31.96 -18.69
CA ALA B 290 22.76 -31.49 -20.05
C ALA B 290 24.20 -31.36 -20.56
N ARG B 291 25.19 -31.85 -19.82
CA ARG B 291 26.58 -31.70 -20.29
C ARG B 291 26.76 -32.28 -21.70
N GLU B 292 26.14 -33.43 -21.98
CA GLU B 292 26.31 -34.05 -23.30
CA GLU B 292 26.35 -34.03 -23.31
C GLU B 292 25.69 -33.23 -24.43
N TYR B 293 24.83 -32.26 -24.10
CA TYR B 293 24.20 -31.42 -25.14
C TYR B 293 24.91 -30.11 -25.37
N LEU B 294 25.77 -29.73 -24.43
CA LEU B 294 26.48 -28.45 -24.55
C LEU B 294 27.66 -28.61 -25.49
N PRO B 295 28.11 -27.51 -26.09
CA PRO B 295 29.24 -27.68 -27.00
C PRO B 295 30.46 -28.26 -26.32
N GLU B 296 31.22 -29.03 -27.09
CA GLU B 296 32.53 -29.40 -26.71
C GLU B 296 33.31 -28.10 -26.52
N ASN B 297 34.05 -28.04 -25.41
CA ASN B 297 34.87 -26.90 -25.06
C ASN B 297 34.09 -25.64 -24.68
N TYR B 298 32.83 -25.79 -24.28
CA TYR B 298 32.01 -24.60 -23.96
C TYR B 298 32.68 -23.72 -22.88
N LYS B 299 33.43 -24.35 -21.98
CA LYS B 299 33.93 -23.61 -20.84
C LYS B 299 35.02 -22.64 -21.26
N ASP B 300 35.58 -22.87 -22.45
CA ASP B 300 36.56 -21.96 -23.02
C ASP B 300 35.97 -20.57 -23.20
N ASP B 301 34.64 -20.49 -23.34
CA ASP B 301 33.98 -19.21 -23.59
C ASP B 301 33.56 -18.52 -22.30
N MET B 302 33.76 -19.18 -21.16
CA MET B 302 33.18 -18.64 -19.91
C MET B 302 33.86 -17.38 -19.39
N SER B 303 35.16 -17.27 -19.64
CA SER B 303 35.90 -16.06 -19.27
CA SER B 303 35.90 -16.06 -19.26
C SER B 303 35.29 -14.83 -19.94
N GLU B 304 34.94 -14.97 -21.22
CA GLU B 304 34.33 -13.85 -21.95
CA GLU B 304 34.33 -13.89 -21.99
C GLU B 304 32.90 -13.61 -21.51
N ILE B 305 32.18 -14.68 -21.17
CA ILE B 305 30.78 -14.57 -20.74
C ILE B 305 30.61 -13.74 -19.43
N GLN B 306 31.65 -13.74 -18.60
CA GLN B 306 31.64 -13.00 -17.31
C GLN B 306 31.81 -11.48 -17.40
N GLU B 307 31.72 -10.92 -18.60
CA GLU B 307 31.64 -9.48 -18.81
C GLU B 307 30.67 -8.84 -17.79
N LYS B 308 31.15 -7.85 -17.03
CA LYS B 308 30.35 -7.25 -15.94
C LYS B 308 29.05 -6.61 -16.44
N ILE B 309 27.94 -6.91 -15.77
CA ILE B 309 26.66 -6.30 -16.09
C ILE B 309 26.23 -5.33 -14.97
N ASP B 310 25.31 -4.43 -15.27
CA ASP B 310 24.91 -3.40 -14.29
C ASP B 310 23.68 -3.79 -13.49
N PHE B 311 22.73 -4.49 -14.12
CA PHE B 311 21.51 -4.91 -13.43
C PHE B 311 21.04 -6.25 -13.93
N VAL B 312 20.27 -6.94 -13.10
CA VAL B 312 19.55 -8.14 -13.48
C VAL B 312 18.07 -7.76 -13.60
N GLY B 313 17.47 -8.01 -14.77
CA GLY B 313 16.02 -7.88 -14.92
C GLY B 313 15.36 -9.21 -14.64
N LEU B 314 14.31 -9.23 -13.81
CA LEU B 314 13.53 -10.43 -13.55
C LEU B 314 12.07 -10.27 -13.99
N ASN B 315 11.61 -11.19 -14.83
CA ASN B 315 10.20 -11.30 -15.13
C ASN B 315 9.59 -12.33 -14.20
N TYR B 316 8.34 -12.11 -13.79
CA TYR B 316 7.66 -13.06 -12.93
C TYR B 316 6.15 -13.01 -13.13
N TYR B 317 5.57 -14.21 -13.19
CA TYR B 317 4.16 -14.41 -13.48
C TYR B 317 3.49 -15.43 -12.56
N SER B 318 4.13 -16.58 -12.33
CA SER B 318 3.42 -17.65 -11.67
C SER B 318 4.28 -18.58 -10.84
N GLY B 319 3.60 -19.45 -10.09
CA GLY B 319 4.25 -20.47 -9.28
C GLY B 319 3.78 -21.84 -9.72
N HIS B 320 4.62 -22.84 -9.47
CA HIS B 320 4.37 -24.20 -9.92
C HIS B 320 4.75 -25.17 -8.83
N LEU B 321 3.88 -26.15 -8.59
CA LEU B 321 4.19 -27.23 -7.67
C LEU B 321 4.83 -28.28 -8.51
N VAL B 322 5.95 -28.86 -8.04
CA VAL B 322 6.68 -29.86 -8.84
CA VAL B 322 6.75 -29.81 -8.82
C VAL B 322 7.10 -31.05 -8.01
N LYS B 323 7.33 -32.17 -8.71
CA LYS B 323 7.74 -33.43 -8.09
C LYS B 323 8.75 -34.20 -8.94
N PHE B 324 9.50 -35.08 -8.30
CA PHE B 324 10.35 -36.05 -9.00
C PHE B 324 9.46 -37.05 -9.72
N ASP B 325 9.91 -37.48 -10.91
CA ASP B 325 9.16 -38.37 -11.78
C ASP B 325 10.16 -39.03 -12.72
N PRO B 326 10.43 -40.34 -12.53
CA PRO B 326 11.47 -41.03 -13.29
C PRO B 326 11.14 -41.20 -14.77
N ASP B 327 9.91 -40.87 -15.16
CA ASP B 327 9.45 -41.07 -16.53
C ASP B 327 9.43 -39.76 -17.33
N ALA B 328 9.37 -38.64 -16.61
CA ALA B 328 9.42 -37.30 -17.20
C ALA B 328 10.78 -37.04 -17.86
N PRO B 329 10.78 -36.24 -18.96
CA PRO B 329 11.97 -36.02 -19.80
C PRO B 329 13.21 -35.53 -19.06
N ALA B 330 13.05 -34.62 -18.09
CA ALA B 330 14.15 -34.19 -17.21
C ALA B 330 13.94 -34.66 -15.77
N LYS B 331 13.18 -35.76 -15.62
CA LYS B 331 12.84 -36.36 -14.32
C LYS B 331 12.06 -35.46 -13.34
N VAL B 332 11.27 -34.55 -13.90
CA VAL B 332 10.51 -33.57 -13.12
C VAL B 332 9.13 -33.32 -13.73
N SER B 333 8.08 -33.50 -12.92
CA SER B 333 6.68 -33.24 -13.34
C SER B 333 6.06 -32.08 -12.58
N PHE B 334 5.22 -31.32 -13.28
CA PHE B 334 4.37 -30.33 -12.65
C PHE B 334 3.16 -31.05 -12.07
N VAL B 335 2.61 -30.50 -10.99
CA VAL B 335 1.34 -31.00 -10.47
C VAL B 335 0.40 -29.84 -10.18
N GLU B 336 -0.79 -29.94 -10.77
CA GLU B 336 -1.76 -28.87 -10.70
C GLU B 336 -2.23 -28.67 -9.26
N ARG B 337 -2.44 -27.41 -8.89
CA ARG B 337 -2.93 -27.06 -7.58
C ARG B 337 -4.26 -26.36 -7.74
N ASP B 338 -4.87 -25.98 -6.62
CA ASP B 338 -6.09 -25.19 -6.66
C ASP B 338 -5.75 -23.77 -7.10
N LEU B 339 -5.73 -22.85 -6.15
CA LEU B 339 -5.25 -21.47 -6.35
C LEU B 339 -5.99 -20.70 -7.45
N PRO B 340 -6.16 -19.39 -7.27
CA PRO B 340 -6.70 -18.59 -8.39
C PRO B 340 -5.77 -18.64 -9.63
N LYS B 341 -6.35 -18.82 -10.82
CA LYS B 341 -5.58 -18.91 -12.07
C LYS B 341 -5.96 -17.81 -13.05
N THR B 342 -5.06 -17.50 -13.98
CA THR B 342 -5.34 -16.48 -14.98
C THR B 342 -5.91 -17.17 -16.22
N ALA B 343 -6.25 -16.38 -17.22
CA ALA B 343 -6.71 -16.88 -18.52
C ALA B 343 -5.65 -17.75 -19.22
N MET B 344 -4.39 -17.64 -18.82
CA MET B 344 -3.32 -18.57 -19.28
C MET B 344 -3.32 -19.88 -18.52
N GLY B 345 -4.06 -19.91 -17.42
CA GLY B 345 -4.05 -21.11 -16.58
C GLY B 345 -2.95 -21.11 -15.53
N TRP B 346 -2.29 -19.96 -15.38
CA TRP B 346 -1.17 -19.82 -14.45
C TRP B 346 -1.65 -19.41 -13.07
N GLU B 347 -1.15 -20.15 -12.07
CA GLU B 347 -1.47 -20.00 -10.66
C GLU B 347 -0.86 -18.73 -10.09
N ILE B 348 -1.72 -17.94 -9.44
CA ILE B 348 -1.35 -16.67 -8.85
C ILE B 348 -0.76 -16.96 -7.48
N VAL B 349 0.56 -16.81 -7.38
CA VAL B 349 1.34 -17.05 -6.16
C VAL B 349 2.21 -15.79 -5.95
N PRO B 350 1.62 -14.73 -5.38
CA PRO B 350 2.32 -13.45 -5.29
C PRO B 350 3.62 -13.52 -4.50
N GLU B 351 3.70 -14.46 -3.56
CA GLU B 351 4.89 -14.56 -2.70
C GLU B 351 6.11 -15.09 -3.47
N GLY B 352 5.86 -15.61 -4.67
CA GLY B 352 6.96 -16.02 -5.55
C GLY B 352 7.81 -14.86 -6.03
N ILE B 353 7.21 -13.67 -6.14
CA ILE B 353 7.98 -12.49 -6.57
C ILE B 353 8.92 -12.01 -5.46
N TYR B 354 8.52 -12.24 -4.21
CA TYR B 354 9.38 -11.98 -3.07
C TYR B 354 10.52 -12.99 -3.07
N TRP B 355 10.15 -14.25 -3.23
CA TRP B 355 11.08 -15.35 -3.16
C TRP B 355 12.22 -15.21 -4.18
N ILE B 356 11.84 -14.85 -5.40
CA ILE B 356 12.80 -14.79 -6.50
C ILE B 356 13.72 -13.60 -6.32
N LEU B 357 13.19 -12.52 -5.73
CA LEU B 357 13.98 -11.31 -5.48
C LEU B 357 14.96 -11.54 -4.36
N LYS B 358 14.53 -12.33 -3.38
CA LYS B 358 15.39 -12.69 -2.24
C LYS B 358 16.48 -13.63 -2.67
N LYS B 359 16.08 -14.70 -3.37
CA LYS B 359 16.99 -15.71 -3.88
C LYS B 359 18.09 -15.14 -4.80
N VAL B 360 17.77 -14.18 -5.68
CA VAL B 360 18.77 -13.62 -6.58
C VAL B 360 19.83 -12.83 -5.83
N LYS B 361 19.40 -12.14 -4.77
CA LYS B 361 20.30 -11.41 -3.91
C LYS B 361 21.18 -12.39 -3.14
N GLU B 362 20.60 -13.47 -2.63
CA GLU B 362 21.37 -14.48 -1.92
C GLU B 362 22.38 -15.22 -2.78
N GLU B 363 21.98 -15.62 -3.98
CA GLU B 363 22.84 -16.46 -4.81
C GLU B 363 23.88 -15.67 -5.59
N TYR B 364 23.49 -14.51 -6.13
CA TYR B 364 24.41 -13.77 -7.02
C TYR B 364 24.69 -12.34 -6.59
N ASN B 365 23.86 -11.82 -5.69
CA ASN B 365 24.02 -10.48 -5.19
C ASN B 365 24.31 -9.44 -6.29
N PRO B 366 23.41 -9.30 -7.30
CA PRO B 366 23.61 -8.26 -8.30
C PRO B 366 23.50 -6.83 -7.68
N PRO B 367 24.24 -5.84 -8.23
CA PRO B 367 24.16 -4.45 -7.71
C PRO B 367 22.77 -3.81 -7.81
N GLU B 368 22.04 -4.10 -8.89
CA GLU B 368 20.68 -3.60 -9.08
C GLU B 368 19.81 -4.73 -9.65
N VAL B 369 18.54 -4.70 -9.27
CA VAL B 369 17.52 -5.60 -9.82
C VAL B 369 16.38 -4.73 -10.32
N TYR B 370 15.69 -5.22 -11.37
CA TYR B 370 14.44 -4.65 -11.83
C TYR B 370 13.46 -5.78 -12.07
N ILE B 371 12.19 -5.53 -11.73
CA ILE B 371 11.10 -6.36 -12.23
C ILE B 371 10.73 -5.82 -13.61
N THR B 372 11.17 -6.52 -14.64
CA THR B 372 11.07 -6.01 -16.01
C THR B 372 9.75 -6.40 -16.68
N GLU B 373 9.05 -7.38 -16.09
CA GLU B 373 7.67 -7.74 -16.40
C GLU B 373 6.94 -8.36 -15.24
N ASN B 374 5.70 -7.97 -15.03
CA ASN B 374 4.79 -8.69 -14.12
C ASN B 374 3.37 -8.36 -14.55
N GLY B 375 2.49 -9.36 -14.57
CA GLY B 375 1.16 -9.11 -15.15
C GLY B 375 0.26 -10.31 -15.19
N ALA B 376 -0.95 -10.11 -15.72
CA ALA B 376 -1.88 -11.22 -15.86
C ALA B 376 -2.81 -11.07 -17.05
N ALA B 377 -3.24 -12.22 -17.56
CA ALA B 377 -4.29 -12.27 -18.57
C ALA B 377 -5.62 -12.73 -17.97
N PHE B 378 -6.67 -12.00 -18.30
CA PHE B 378 -8.02 -12.36 -17.88
C PHE B 378 -8.94 -12.10 -19.05
N ASP B 379 -10.13 -12.72 -19.03
CA ASP B 379 -11.11 -12.51 -20.09
C ASP B 379 -11.78 -11.14 -19.89
N ASP B 380 -11.16 -10.10 -20.46
CA ASP B 380 -11.60 -8.73 -20.30
C ASP B 380 -12.83 -8.45 -21.16
N VAL B 381 -13.66 -7.54 -20.69
CA VAL B 381 -14.92 -7.21 -21.38
C VAL B 381 -15.22 -5.73 -21.21
N VAL B 382 -15.61 -5.08 -22.30
CA VAL B 382 -15.97 -3.66 -22.25
C VAL B 382 -17.46 -3.52 -21.88
N SER B 383 -17.70 -3.10 -20.64
CA SER B 383 -19.06 -2.95 -20.11
CA SER B 383 -19.06 -2.95 -20.11
C SER B 383 -19.83 -1.85 -20.85
N GLU B 384 -21.15 -1.85 -20.69
CA GLU B 384 -22.02 -0.83 -21.31
C GLU B 384 -21.52 0.58 -21.01
N ASP B 385 -20.83 0.77 -19.89
CA ASP B 385 -20.27 2.09 -19.55
C ASP B 385 -19.01 2.46 -20.33
N GLY B 386 -18.59 1.60 -21.25
CA GLY B 386 -17.41 1.83 -22.10
C GLY B 386 -16.09 1.64 -21.37
N ARG B 387 -16.17 1.05 -20.19
CA ARG B 387 -14.99 0.75 -19.37
CA ARG B 387 -15.00 0.77 -19.37
C ARG B 387 -14.79 -0.75 -19.28
N VAL B 388 -13.59 -1.14 -18.85
CA VAL B 388 -13.27 -2.53 -18.60
C VAL B 388 -13.03 -2.64 -17.09
N HIS B 389 -13.95 -3.30 -16.39
CA HIS B 389 -13.84 -3.40 -14.92
C HIS B 389 -13.03 -4.61 -14.49
N ASP B 390 -11.72 -4.49 -14.70
CA ASP B 390 -10.78 -5.59 -14.46
C ASP B 390 -10.21 -5.57 -13.04
N GLN B 391 -11.09 -5.87 -12.08
CA GLN B 391 -10.73 -5.98 -10.68
C GLN B 391 -9.74 -7.13 -10.42
N ASN B 392 -9.85 -8.21 -11.21
CA ASN B 392 -8.94 -9.35 -11.07
C ASN B 392 -7.49 -8.98 -11.38
N ARG B 393 -7.28 -8.13 -12.39
CA ARG B 393 -5.94 -7.63 -12.71
C ARG B 393 -5.40 -6.71 -11.61
N ILE B 394 -6.19 -5.70 -11.21
CA ILE B 394 -5.82 -4.83 -10.10
CA ILE B 394 -5.75 -4.84 -10.11
C ILE B 394 -5.39 -5.69 -8.90
N ASP B 395 -6.21 -6.68 -8.58
CA ASP B 395 -5.93 -7.58 -7.46
C ASP B 395 -4.57 -8.23 -7.64
N TYR B 396 -4.40 -8.93 -8.77
CA TYR B 396 -3.12 -9.58 -9.11
C TYR B 396 -1.95 -8.62 -8.91
N LEU B 397 -1.98 -7.49 -9.59
CA LEU B 397 -0.88 -6.53 -9.55
C LEU B 397 -0.58 -6.06 -8.14
N LYS B 398 -1.64 -5.85 -7.35
CA LYS B 398 -1.52 -5.28 -6.00
C LYS B 398 -0.72 -6.21 -5.08
N ALA B 399 -1.06 -7.49 -5.09
CA ALA B 399 -0.40 -8.47 -4.24
C ALA B 399 1.08 -8.63 -4.62
N HIS B 400 1.39 -8.46 -5.90
CA HIS B 400 2.77 -8.61 -6.37
C HIS B 400 3.62 -7.39 -6.07
N ILE B 401 3.08 -6.20 -6.32
CA ILE B 401 3.74 -4.95 -5.99
C ILE B 401 4.00 -4.87 -4.48
N GLY B 402 3.10 -5.50 -3.71
CA GLY B 402 3.22 -5.56 -2.26
C GLY B 402 4.30 -6.52 -1.79
N GLN B 403 4.40 -7.68 -2.46
CA GLN B 403 5.44 -8.68 -2.17
C GLN B 403 6.84 -8.20 -2.58
N ALA B 404 6.91 -7.42 -3.64
CA ALA B 404 8.15 -6.75 -4.05
C ALA B 404 8.57 -5.65 -3.08
N TRP B 405 7.61 -4.90 -2.56
CA TRP B 405 7.91 -3.90 -1.53
C TRP B 405 8.60 -4.59 -0.34
N LYS B 406 8.03 -5.70 0.10
CA LYS B 406 8.59 -6.51 1.17
C LYS B 406 10.06 -6.90 0.90
N ALA B 407 10.36 -7.21 -0.36
CA ALA B 407 11.71 -7.56 -0.77
C ALA B 407 12.68 -6.42 -0.50
N ILE B 408 12.34 -5.22 -0.93
CA ILE B 408 13.16 -4.03 -0.68
C ILE B 408 13.44 -3.84 0.83
N GLN B 409 12.49 -4.25 1.67
CA GLN B 409 12.60 -4.10 3.11
C GLN B 409 13.60 -5.08 3.73
N GLU B 410 13.86 -6.18 3.02
CA GLU B 410 14.89 -7.08 3.47
C GLU B 410 16.16 -6.85 2.66
N GLY B 411 16.21 -5.69 1.99
CA GLY B 411 17.42 -5.19 1.39
C GLY B 411 17.79 -5.73 0.01
N VAL B 412 16.80 -6.02 -0.81
CA VAL B 412 17.02 -6.36 -2.23
C VAL B 412 17.12 -5.03 -2.96
N PRO B 413 18.21 -4.80 -3.73
CA PRO B 413 18.34 -3.54 -4.43
C PRO B 413 17.43 -3.40 -5.65
N LEU B 414 16.11 -3.50 -5.43
CA LEU B 414 15.11 -3.33 -6.50
C LEU B 414 14.88 -1.87 -6.93
N LYS B 415 15.22 -1.55 -8.17
CA LYS B 415 15.21 -0.17 -8.63
C LYS B 415 13.96 0.24 -9.44
N GLY B 416 13.12 -0.72 -9.82
CA GLY B 416 11.98 -0.43 -10.69
C GLY B 416 11.03 -1.60 -10.92
N TYR B 417 9.87 -1.30 -11.50
CA TYR B 417 8.82 -2.28 -11.72
C TYR B 417 8.03 -1.96 -13.01
N PHE B 418 7.97 -2.93 -13.91
CA PHE B 418 7.30 -2.74 -15.19
C PHE B 418 6.16 -3.71 -15.29
N VAL B 419 4.98 -3.20 -15.60
CA VAL B 419 3.81 -4.04 -15.80
C VAL B 419 3.84 -4.59 -17.22
N TRP B 420 3.67 -5.90 -17.35
CA TRP B 420 3.33 -6.46 -18.65
C TRP B 420 1.83 -6.62 -18.74
N SER B 421 1.16 -5.91 -19.65
CA SER B 421 1.74 -5.00 -20.62
C SER B 421 0.94 -3.68 -20.69
N LEU B 422 1.49 -2.66 -21.35
CA LEU B 422 0.70 -1.47 -21.68
C LEU B 422 -0.58 -1.82 -22.46
N LEU B 423 -0.45 -2.67 -23.48
CA LEU B 423 -1.54 -3.00 -24.36
C LEU B 423 -1.83 -4.48 -24.38
N ASP B 424 -3.10 -4.83 -24.62
CA ASP B 424 -3.43 -6.17 -25.14
C ASP B 424 -2.67 -6.36 -26.44
N ASN B 425 -2.16 -7.56 -26.68
CA ASN B 425 -1.28 -7.70 -27.83
C ASN B 425 -1.18 -9.13 -28.34
N PHE B 426 -0.29 -9.34 -29.28
CA PHE B 426 -0.08 -10.67 -29.86
C PHE B 426 0.66 -11.58 -28.86
N GLU B 427 -0.06 -12.50 -28.25
CA GLU B 427 0.51 -13.35 -27.20
C GLU B 427 1.12 -14.63 -27.79
N TRP B 428 2.04 -14.43 -28.73
CA TRP B 428 2.88 -15.50 -29.27
C TRP B 428 2.01 -16.66 -29.80
N ALA B 429 2.24 -17.91 -29.36
CA ALA B 429 1.46 -19.04 -29.92
C ALA B 429 -0.01 -18.99 -29.54
N GLU B 430 -0.36 -18.12 -28.59
CA GLU B 430 -1.77 -17.96 -28.18
C GLU B 430 -2.53 -16.96 -29.07
N GLY B 431 -1.77 -16.19 -29.85
CA GLY B 431 -2.36 -15.16 -30.69
C GLY B 431 -2.95 -14.02 -29.87
N TYR B 432 -4.09 -13.52 -30.33
CA TYR B 432 -4.74 -12.36 -29.67
C TYR B 432 -5.74 -12.79 -28.61
N SER B 433 -5.82 -14.09 -28.37
CA SER B 433 -6.80 -14.65 -27.45
C SER B 433 -6.49 -14.37 -25.98
N LYS B 434 -5.29 -13.86 -25.69
CA LYS B 434 -4.87 -13.63 -24.31
CA LYS B 434 -4.87 -13.63 -24.31
C LYS B 434 -4.46 -12.17 -24.13
N ARG B 435 -5.18 -11.46 -23.26
CA ARG B 435 -5.01 -10.01 -23.13
C ARG B 435 -4.31 -9.68 -21.82
N PHE B 436 -3.12 -9.04 -21.91
CA PHE B 436 -2.28 -8.71 -20.75
C PHE B 436 -2.27 -7.20 -20.49
N GLY B 437 -2.99 -6.43 -21.30
CA GLY B 437 -2.83 -4.99 -21.27
C GLY B 437 -3.45 -4.37 -20.03
N ILE B 438 -2.98 -3.17 -19.67
CA ILE B 438 -3.73 -2.32 -18.72
C ILE B 438 -4.60 -1.37 -19.55
N VAL B 439 -4.34 -1.34 -20.86
CA VAL B 439 -5.15 -0.69 -21.87
C VAL B 439 -5.68 -1.77 -22.81
N TYR B 440 -7.00 -1.87 -22.89
CA TYR B 440 -7.73 -2.77 -23.78
C TYR B 440 -7.61 -2.30 -25.22
N VAL B 441 -7.46 -3.26 -26.15
CA VAL B 441 -7.40 -2.95 -27.58
C VAL B 441 -8.53 -3.66 -28.31
N ASP B 442 -9.43 -2.88 -28.88
CA ASP B 442 -10.46 -3.45 -29.74
C ASP B 442 -9.82 -3.60 -31.11
N TYR B 443 -9.56 -4.84 -31.51
CA TYR B 443 -8.80 -5.08 -32.74
C TYR B 443 -9.57 -4.74 -34.02
N SER B 444 -10.91 -4.78 -33.97
CA SER B 444 -11.72 -4.42 -35.13
C SER B 444 -11.61 -2.93 -35.50
N THR B 445 -11.49 -2.05 -34.49
CA THR B 445 -11.36 -0.61 -34.74
C THR B 445 -10.00 -0.04 -34.36
N GLN B 446 -9.24 -0.82 -33.58
CA GLN B 446 -7.95 -0.37 -33.01
C GLN B 446 -8.12 0.67 -31.91
N LYS B 447 -9.34 0.70 -31.35
CA LYS B 447 -9.66 1.57 -30.23
C LYS B 447 -8.93 1.16 -28.94
N ARG B 448 -8.27 2.13 -28.31
CA ARG B 448 -7.70 1.97 -26.97
C ARG B 448 -8.74 2.34 -25.93
N ILE B 449 -8.99 1.41 -25.00
CA ILE B 449 -9.84 1.66 -23.85
C ILE B 449 -9.01 1.37 -22.61
N VAL B 450 -8.48 2.42 -21.98
CA VAL B 450 -7.79 2.27 -20.70
C VAL B 450 -8.64 1.47 -19.72
N LYS B 451 -8.05 0.44 -19.11
CA LYS B 451 -8.79 -0.41 -18.18
C LYS B 451 -8.73 0.20 -16.78
N ASP B 452 -9.55 -0.32 -15.86
CA ASP B 452 -9.50 0.11 -14.45
C ASP B 452 -8.11 -0.09 -13.85
N SER B 453 -7.47 -1.22 -14.17
CA SER B 453 -6.05 -1.43 -13.83
C SER B 453 -5.16 -0.27 -14.26
N GLY B 454 -5.44 0.30 -15.43
CA GLY B 454 -4.68 1.45 -15.93
C GLY B 454 -4.75 2.64 -14.97
N TYR B 455 -5.98 2.97 -14.57
CA TYR B 455 -6.23 4.11 -13.67
C TYR B 455 -5.70 3.81 -12.27
N TRP B 456 -5.90 2.58 -11.81
CA TRP B 456 -5.37 2.13 -10.53
C TRP B 456 -3.84 2.20 -10.46
N TYR B 457 -3.17 1.69 -11.50
CA TYR B 457 -1.72 1.67 -11.51
C TYR B 457 -1.18 3.09 -11.60
N SER B 458 -1.88 3.93 -12.36
CA SER B 458 -1.60 5.36 -12.45
C SER B 458 -1.59 5.95 -11.05
N ASN B 459 -2.50 5.47 -10.21
CA ASN B 459 -2.53 5.79 -8.77
C ASN B 459 -1.23 5.43 -8.06
N VAL B 460 -0.80 4.17 -8.25
CA VAL B 460 0.42 3.64 -7.61
C VAL B 460 1.65 4.51 -7.96
N VAL B 461 1.80 4.85 -9.23
CA VAL B 461 2.93 5.69 -9.67
C VAL B 461 2.85 7.08 -9.06
N LYS B 462 1.64 7.65 -9.09
CA LYS B 462 1.36 8.96 -8.50
C LYS B 462 1.85 8.98 -7.05
N ASN B 463 1.44 7.97 -6.29
CA ASN B 463 1.77 7.86 -4.87
C ASN B 463 3.14 7.28 -4.55
N ASN B 464 3.90 6.86 -5.57
CA ASN B 464 5.10 6.02 -5.38
C ASN B 464 4.84 4.84 -4.44
N GLY B 465 3.69 4.18 -4.60
CA GLY B 465 3.38 3.02 -3.77
C GLY B 465 1.90 2.70 -3.62
N LEU B 466 1.61 1.78 -2.70
CA LEU B 466 0.25 1.27 -2.48
C LEU B 466 -0.47 2.04 -1.38
#